data_8JL4
#
_entry.id   8JL4
#
_cell.length_a   1.00
_cell.length_b   1.00
_cell.length_c   1.00
_cell.angle_alpha   90.00
_cell.angle_beta   90.00
_cell.angle_gamma   90.00
#
_symmetry.space_group_name_H-M   'P 1'
#
loop_
_entity.id
_entity.type
_entity.pdbx_description
1 polymer 'Heparan-alpha-glucosaminide N-acetyltransferase'
2 branched 2-acetamido-2-deoxy-beta-D-glucopyranose-(1-4)-2-acetamido-2-deoxy-beta-D-glucopyranose
3 non-polymer ~{N}-[(2~{S},3~{R},4~{R},5~{S},6~{R})-6-(hydroxymethyl)-2-[[(2~{R},4~{R})-4-methyl-2-oxidanyl-3,4-dihydro-2~{H}-chromen-7-yl]oxy]-4,5-bis(oxidanyl)oxan-3-yl]ethanamide
4 non-polymer 'COENZYME A'
5 non-polymer 2-acetamido-2-deoxy-beta-D-glucopyranose
6 non-polymer TETRADECANE
7 non-polymer N-OCTANE
8 non-polymer CHOLESTEROL
9 non-polymer DECANE
10 non-polymer DODECANE
11 non-polymer HEPTANE
12 non-polymer HEXADECANE
#
_entity_poly.entity_id   1
_entity_poly.type   'polypeptide(L)'
_entity_poly.pdbx_seq_one_letter_code
;MTGARASAAEQRRAGRSGQARAAERAAGMSGAGRALAALLLAASVLSAALLAPGGSSGRDAQAAPPRDLDKKRHAELKMD
QALLLIHNELLWTNLTVYWKSECCYHCLFQVLVNVPQSPKAGKPSAAAASVSTQHGSILQLNDTLEEKEVCRLEYRFGEF
GNYSLLVKNIHNGVSEIACDLAVNEDPVDSNLPVSIAFLIGLAVIIVISFLRLLLSLDDFNNWISKAISSRETDRLINSE
LGSPSRTDPLDGDVQPATWRLSALPPRLRSVDTFRGIALILMVFVNYGGGKYWYFKHASWNGLTVADLVFPWFVFIMGSS
IFLSMTSILQRGCSKFRLLGKIAWRSFLLICIGIIIVNPNYCLGPLSWDKVRIPGVLQRLGVTYFVVAVLELLFAKPVPE
HCASERSCLSLRDITSSWPQWLLILVLEGLWLGLTFLLPVPGCPTGYLGPGGIGDFGKYPNCTGGAAGYIDRLLLGDDHL
YQHPSSAVLYHTEVAYDPEGILGTINSIVMAFLGVQAGKILLYYKARTKDILIRFTAWCCILGLISVALTKVSENEGFIP
VNKNLWSLSYVTTLSSFAFFILLVLYPVVDVKGLWTGTPFFYPGMNSILVYVGHEVFENYFPFQWKLKDNQSHKEHLTQN
IVATALWVLIAYILYRKKIFWKIGSGGGGSGGGGSGGGWSHPQFEKGGGSGGGSGGSAWSHPQFEK
;
_entity_poly.pdbx_strand_id   A,B
#
# COMPACT_ATOMS: atom_id res chain seq x y z
CA ALA A 75 9.28 -16.81 -24.26
C ALA A 75 10.20 -17.81 -23.58
N GLU A 76 11.08 -18.43 -24.37
CA GLU A 76 12.04 -19.38 -23.81
C GLU A 76 13.18 -18.70 -23.06
N LEU A 77 13.50 -17.46 -23.39
CA LEU A 77 14.60 -16.73 -22.79
C LEU A 77 14.07 -15.58 -21.94
N LYS A 78 14.73 -15.33 -20.82
CA LYS A 78 14.41 -14.18 -19.99
C LYS A 78 15.17 -12.95 -20.50
N MET A 79 15.01 -11.84 -19.78
CA MET A 79 15.76 -10.64 -20.10
C MET A 79 17.24 -10.84 -19.82
N ASP A 80 18.09 -10.22 -20.66
CA ASP A 80 19.53 -10.28 -20.50
C ASP A 80 20.05 -11.71 -20.51
N GLN A 81 19.58 -12.50 -21.47
CA GLN A 81 19.98 -13.89 -21.58
C GLN A 81 20.08 -14.28 -23.04
N ALA A 82 21.05 -15.14 -23.34
CA ALA A 82 21.23 -15.71 -24.67
C ALA A 82 21.05 -17.22 -24.59
N LEU A 83 20.88 -17.83 -25.75
CA LEU A 83 20.75 -19.28 -25.84
C LEU A 83 22.04 -19.87 -26.36
N LEU A 84 22.59 -20.82 -25.62
CA LEU A 84 23.81 -21.52 -26.00
C LEU A 84 23.49 -22.99 -26.25
N LEU A 85 23.87 -23.49 -27.42
CA LEU A 85 23.71 -24.89 -27.77
C LEU A 85 25.08 -25.52 -27.88
N ILE A 86 25.31 -26.58 -27.12
CA ILE A 86 26.59 -27.28 -27.12
C ILE A 86 26.39 -28.60 -27.82
N HIS A 87 27.18 -28.86 -28.87
CA HIS A 87 27.18 -30.13 -29.57
C HIS A 87 28.52 -30.82 -29.33
N ASN A 88 28.47 -32.00 -28.72
CA ASN A 88 29.66 -32.77 -28.39
C ASN A 88 29.86 -33.84 -29.44
N GLU A 89 30.87 -33.65 -30.29
CA GLU A 89 31.20 -34.66 -31.29
C GLU A 89 32.21 -35.68 -30.80
N LEU A 90 32.78 -35.49 -29.60
CA LEU A 90 33.70 -36.47 -29.04
C LEU A 90 32.95 -37.73 -28.66
N LEU A 91 33.60 -38.88 -28.87
CA LEU A 91 32.95 -40.17 -28.67
C LEU A 91 33.17 -40.76 -27.28
N TRP A 92 34.30 -40.44 -26.64
CA TRP A 92 34.68 -41.13 -25.40
C TRP A 92 34.84 -40.17 -24.23
N THR A 93 34.29 -38.96 -24.32
CA THR A 93 34.39 -37.98 -23.25
C THR A 93 33.02 -37.45 -22.89
N ASN A 94 32.76 -37.30 -21.60
CA ASN A 94 31.59 -36.62 -21.08
C ASN A 94 32.01 -35.21 -20.68
N LEU A 95 31.36 -34.21 -21.25
CA LEU A 95 31.71 -32.82 -20.97
C LEU A 95 30.78 -32.23 -19.92
N THR A 96 31.37 -31.48 -18.99
CA THR A 96 30.64 -30.58 -18.12
C THR A 96 31.15 -29.17 -18.37
N VAL A 97 30.22 -28.23 -18.50
CA VAL A 97 30.54 -26.86 -18.86
C VAL A 97 30.30 -25.98 -17.64
N TYR A 98 31.34 -25.30 -17.19
CA TYR A 98 31.21 -24.33 -16.11
C TYR A 98 31.23 -22.91 -16.65
N TRP A 99 30.56 -22.03 -15.93
CA TRP A 99 30.38 -20.65 -16.34
C TRP A 99 30.84 -19.72 -15.24
N LYS A 100 31.40 -18.58 -15.65
CA LYS A 100 31.84 -17.56 -14.71
C LYS A 100 31.75 -16.20 -15.38
N SER A 101 31.17 -15.24 -14.68
CA SER A 101 31.11 -13.86 -15.16
C SER A 101 32.46 -13.19 -14.99
N GLU A 102 32.76 -12.22 -15.87
CA GLU A 102 33.99 -11.46 -15.70
C GLU A 102 33.85 -10.45 -14.57
N CYS A 103 32.63 -10.02 -14.27
CA CYS A 103 32.40 -9.07 -13.19
C CYS A 103 32.62 -9.71 -11.82
N CYS A 104 32.36 -11.01 -11.71
CA CYS A 104 32.49 -11.70 -10.43
C CYS A 104 33.96 -11.91 -10.13
N TYR A 105 34.43 -11.36 -9.01
CA TYR A 105 35.84 -11.24 -8.71
C TYR A 105 36.30 -12.42 -7.85
N HIS A 106 37.28 -13.17 -8.35
CA HIS A 106 37.86 -14.31 -7.65
C HIS A 106 36.78 -15.33 -7.25
N CYS A 107 35.89 -15.62 -8.19
CA CYS A 107 34.73 -16.44 -7.92
C CYS A 107 34.96 -17.88 -8.37
N LEU A 108 34.10 -18.77 -7.88
CA LEU A 108 34.12 -20.15 -8.31
C LEU A 108 33.34 -20.33 -9.60
N PHE A 109 33.80 -21.26 -10.42
CA PHE A 109 33.04 -21.68 -11.59
C PHE A 109 31.82 -22.46 -11.15
N GLN A 110 30.68 -22.19 -11.78
CA GLN A 110 29.45 -22.91 -11.51
C GLN A 110 29.05 -23.72 -12.74
N VAL A 111 28.47 -24.89 -12.50
CA VAL A 111 28.08 -25.78 -13.58
C VAL A 111 26.95 -25.15 -14.37
N LEU A 112 27.12 -25.09 -15.70
CA LEU A 112 26.11 -24.53 -16.59
C LEU A 112 25.21 -25.63 -17.14
N VAL A 113 25.80 -26.64 -17.79
CA VAL A 113 25.02 -27.74 -18.34
C VAL A 113 25.97 -28.93 -18.49
N ASN A 114 25.41 -30.13 -18.37
CA ASN A 114 26.14 -31.37 -18.58
C ASN A 114 25.83 -31.88 -19.98
N VAL A 115 26.86 -32.24 -20.72
CA VAL A 115 26.73 -32.64 -22.12
C VAL A 115 27.24 -34.08 -22.26
N PRO A 116 26.38 -35.03 -22.61
CA PRO A 116 26.84 -36.43 -22.73
C PRO A 116 27.67 -36.64 -23.98
N GLN A 117 28.30 -37.81 -24.03
CA GLN A 117 29.14 -38.17 -25.17
C GLN A 117 28.28 -38.50 -26.39
N SER A 118 28.91 -38.43 -27.55
CA SER A 118 28.23 -38.73 -28.80
C SER A 118 27.99 -40.22 -28.92
N PRO A 119 26.74 -40.68 -29.03
CA PRO A 119 26.51 -42.13 -29.16
C PRO A 119 27.14 -42.74 -30.40
N LYS A 120 27.17 -42.01 -31.50
CA LYS A 120 27.74 -42.51 -32.75
C LYS A 120 28.46 -41.36 -33.45
N ALA A 121 29.33 -41.73 -34.39
CA ALA A 121 29.96 -40.72 -35.23
C ALA A 121 28.92 -40.07 -36.13
N GLY A 122 29.02 -38.76 -36.29
CA GLY A 122 28.08 -38.02 -37.11
C GLY A 122 26.77 -37.67 -36.46
N LYS A 123 26.58 -38.03 -35.19
CA LYS A 123 25.38 -37.69 -34.43
C LYS A 123 25.79 -37.05 -33.10
N PRO A 124 26.26 -35.81 -33.13
CA PRO A 124 26.72 -35.17 -31.89
C PRO A 124 25.60 -35.00 -30.89
N SER A 125 25.92 -35.22 -29.63
CA SER A 125 24.96 -34.99 -28.55
C SER A 125 24.78 -33.50 -28.33
N ALA A 126 23.54 -33.09 -28.07
CA ALA A 126 23.21 -31.68 -27.98
C ALA A 126 22.63 -31.35 -26.60
N ALA A 127 23.05 -30.21 -26.06
CA ALA A 127 22.50 -29.66 -24.84
C ALA A 127 22.33 -28.17 -25.00
N ALA A 128 21.40 -27.60 -24.24
CA ALA A 128 21.07 -26.18 -24.33
C ALA A 128 21.13 -25.54 -22.96
N ALA A 129 21.56 -24.29 -22.93
CA ALA A 129 21.66 -23.54 -21.67
C ALA A 129 21.45 -22.06 -21.96
N SER A 130 21.08 -21.34 -20.92
CA SER A 130 20.94 -19.90 -20.97
C SER A 130 22.12 -19.25 -20.26
N VAL A 131 22.79 -18.33 -20.95
CA VAL A 131 23.92 -17.61 -20.38
C VAL A 131 23.50 -16.16 -20.17
N SER A 132 24.05 -15.56 -19.11
CA SER A 132 23.80 -14.16 -18.83
C SER A 132 24.61 -13.27 -19.77
N THR A 133 23.95 -12.22 -20.28
CA THR A 133 24.56 -11.35 -21.27
C THR A 133 24.90 -9.97 -20.72
N GLN A 134 24.75 -9.75 -19.41
CA GLN A 134 25.05 -8.44 -18.85
C GLN A 134 26.53 -8.12 -18.96
N HIS A 135 27.40 -9.09 -18.66
CA HIS A 135 28.84 -8.90 -18.70
C HIS A 135 29.45 -10.00 -19.56
N GLY A 136 30.77 -9.99 -19.67
CA GLY A 136 31.45 -11.05 -20.37
C GLY A 136 31.32 -12.37 -19.63
N SER A 137 31.39 -13.46 -20.39
CA SER A 137 31.29 -14.80 -19.84
C SER A 137 32.61 -15.54 -20.04
N ILE A 138 32.90 -16.43 -19.12
CA ILE A 138 34.03 -17.36 -19.23
C ILE A 138 33.46 -18.76 -19.11
N LEU A 139 33.74 -19.59 -20.12
CA LEU A 139 33.29 -20.97 -20.13
C LEU A 139 34.48 -21.90 -20.03
N GLN A 140 34.34 -22.95 -19.22
CA GLN A 140 35.37 -23.96 -19.07
C GLN A 140 34.73 -25.32 -19.27
N LEU A 141 35.17 -26.04 -20.29
CA LEU A 141 34.63 -27.35 -20.61
C LEU A 141 35.60 -28.40 -20.09
N ASN A 142 35.16 -29.18 -19.12
CA ASN A 142 36.01 -30.13 -18.41
C ASN A 142 35.51 -31.54 -18.67
N ASP A 143 36.44 -32.44 -19.00
CA ASP A 143 36.11 -33.85 -19.11
C ASP A 143 35.66 -34.36 -17.75
N THR A 144 34.41 -34.87 -17.69
CA THR A 144 33.83 -35.22 -16.39
C THR A 144 34.58 -36.36 -15.72
N LEU A 145 34.94 -37.40 -16.48
CA LEU A 145 35.60 -38.55 -15.89
C LEU A 145 36.99 -38.20 -15.38
N GLU A 146 37.80 -37.55 -16.22
CA GLU A 146 39.18 -37.25 -15.87
C GLU A 146 39.34 -35.96 -15.09
N GLU A 147 38.30 -35.14 -15.00
CA GLU A 147 38.39 -33.81 -14.36
C GLU A 147 39.52 -33.00 -14.98
N LYS A 148 39.62 -33.06 -16.31
CA LYS A 148 40.68 -32.39 -17.05
C LYS A 148 40.06 -31.42 -18.03
N GLU A 149 40.76 -30.31 -18.28
CA GLU A 149 40.21 -29.23 -19.07
C GLU A 149 40.37 -29.51 -20.55
N VAL A 150 39.27 -29.38 -21.30
CA VAL A 150 39.27 -29.62 -22.74
C VAL A 150 39.57 -28.31 -23.46
N CYS A 151 38.75 -27.29 -23.25
CA CYS A 151 39.02 -25.97 -23.80
C CYS A 151 38.35 -24.91 -22.93
N ARG A 152 38.84 -23.69 -23.07
CA ARG A 152 38.36 -22.54 -22.31
C ARG A 152 38.02 -21.42 -23.27
N LEU A 153 36.95 -20.68 -22.98
CA LEU A 153 36.39 -19.74 -23.94
C LEU A 153 35.88 -18.51 -23.20
N GLU A 154 36.25 -17.33 -23.69
CA GLU A 154 35.78 -16.06 -23.16
C GLU A 154 34.98 -15.34 -24.23
N TYR A 155 33.76 -14.94 -23.90
CA TYR A 155 32.88 -14.34 -24.88
C TYR A 155 31.83 -13.49 -24.19
N ARG A 156 31.45 -12.39 -24.85
CA ARG A 156 30.33 -11.57 -24.44
C ARG A 156 29.14 -11.91 -25.32
N PHE A 157 28.20 -12.67 -24.78
CA PHE A 157 26.99 -13.00 -25.50
C PHE A 157 26.02 -11.82 -25.47
N GLY A 158 25.20 -11.71 -26.51
CA GLY A 158 24.22 -10.66 -26.62
C GLY A 158 22.84 -11.14 -26.24
N GLU A 159 22.00 -10.20 -25.82
CA GLU A 159 20.66 -10.53 -25.35
C GLU A 159 19.85 -11.16 -26.46
N PHE A 160 19.09 -12.20 -26.10
CA PHE A 160 18.23 -12.94 -27.03
C PHE A 160 18.98 -13.48 -28.23
N GLY A 161 20.29 -13.61 -28.15
CA GLY A 161 21.04 -14.23 -29.20
C GLY A 161 20.90 -15.73 -29.17
N ASN A 162 21.30 -16.36 -30.27
CA ASN A 162 21.23 -17.80 -30.42
C ASN A 162 22.60 -18.25 -30.91
N TYR A 163 23.37 -18.87 -30.01
CA TYR A 163 24.74 -19.28 -30.28
C TYR A 163 24.84 -20.80 -30.18
N SER A 164 25.76 -21.36 -30.96
CA SER A 164 26.04 -22.78 -30.91
C SER A 164 27.54 -22.98 -30.70
N LEU A 165 27.89 -23.91 -29.82
CA LEU A 165 29.28 -24.24 -29.52
C LEU A 165 29.52 -25.68 -29.92
N LEU A 166 30.44 -25.88 -30.87
CA LEU A 166 30.74 -27.20 -31.40
C LEU A 166 32.07 -27.69 -30.84
N VAL A 167 32.05 -28.88 -30.22
CA VAL A 167 33.23 -29.46 -29.61
C VAL A 167 33.56 -30.72 -30.39
N LYS A 168 34.62 -30.67 -31.19
CA LYS A 168 35.05 -31.80 -31.99
C LYS A 168 36.56 -31.95 -31.88
N ASN A 169 37.04 -33.15 -32.15
CA ASN A 169 38.47 -33.41 -32.19
C ASN A 169 38.99 -33.23 -33.61
N ILE A 170 40.04 -32.41 -33.75
CA ILE A 170 40.60 -32.13 -35.06
C ILE A 170 41.56 -33.24 -35.45
N HIS A 171 41.34 -33.83 -36.62
CA HIS A 171 42.11 -34.97 -37.08
C HIS A 171 43.20 -34.58 -38.07
N ASN A 172 43.50 -33.30 -38.20
CA ASN A 172 44.54 -32.83 -39.13
C ASN A 172 45.92 -33.07 -38.52
N GLY A 173 46.27 -34.36 -38.44
CA GLY A 173 47.56 -34.76 -37.93
C GLY A 173 47.73 -34.67 -36.43
N VAL A 174 46.66 -34.38 -35.69
CA VAL A 174 46.70 -34.26 -34.25
C VAL A 174 45.50 -34.98 -33.65
N SER A 175 45.51 -35.11 -32.32
CA SER A 175 44.42 -35.72 -31.59
C SER A 175 43.85 -34.77 -30.53
N GLU A 176 44.02 -33.47 -30.75
CA GLU A 176 43.54 -32.47 -29.81
C GLU A 176 42.04 -32.27 -29.97
N ILE A 177 41.49 -31.34 -29.20
CA ILE A 177 40.09 -30.95 -29.30
C ILE A 177 40.02 -29.44 -29.51
N ALA A 178 39.26 -29.02 -30.50
CA ALA A 178 39.10 -27.61 -30.82
C ALA A 178 37.61 -27.27 -30.76
N CYS A 179 37.24 -26.41 -29.82
CA CYS A 179 35.86 -25.94 -29.67
C CYS A 179 35.77 -24.50 -30.16
N ASP A 180 34.83 -24.25 -31.07
CA ASP A 180 34.64 -22.94 -31.66
C ASP A 180 33.17 -22.56 -31.63
N LEU A 181 32.91 -21.26 -31.52
CA LEU A 181 31.59 -20.73 -31.26
C LEU A 181 31.07 -19.98 -32.47
N ALA A 182 29.82 -20.27 -32.85
CA ALA A 182 29.16 -19.65 -33.99
C ALA A 182 27.87 -19.00 -33.55
N VAL A 183 27.44 -18.00 -34.31
CA VAL A 183 26.24 -17.22 -33.99
C VAL A 183 25.15 -17.64 -34.97
N ASN A 184 24.18 -18.43 -34.49
CA ASN A 184 23.06 -18.83 -35.32
C ASN A 184 22.16 -17.64 -35.62
N GLU A 185 21.78 -16.88 -34.60
CA GLU A 185 20.91 -15.72 -34.73
C GLU A 185 21.55 -14.55 -34.00
N ASP A 186 21.57 -13.39 -34.65
CA ASP A 186 22.18 -12.22 -34.05
C ASP A 186 21.36 -11.75 -32.85
N PRO A 187 22.02 -11.17 -31.85
CA PRO A 187 21.30 -10.64 -30.69
C PRO A 187 20.68 -9.28 -31.01
N VAL A 188 20.09 -8.68 -29.99
CA VAL A 188 19.50 -7.36 -30.10
C VAL A 188 20.42 -6.37 -29.40
N ASP A 189 20.25 -5.09 -29.74
CA ASP A 189 20.95 -4.01 -29.04
C ASP A 189 20.19 -3.69 -27.77
N SER A 190 20.73 -4.07 -26.63
CA SER A 190 20.01 -3.94 -25.36
C SER A 190 19.95 -2.49 -24.91
N ASN A 191 20.96 -1.70 -25.22
CA ASN A 191 21.07 -0.33 -24.75
C ASN A 191 20.48 0.68 -25.71
N LEU A 192 19.86 0.23 -26.81
CA LEU A 192 19.22 1.15 -27.74
C LEU A 192 18.11 1.97 -27.10
N PRO A 193 17.21 1.41 -26.28
CA PRO A 193 16.22 2.28 -25.60
C PRO A 193 16.84 3.40 -24.79
N VAL A 194 17.96 3.15 -24.12
CA VAL A 194 18.62 4.19 -23.34
C VAL A 194 19.14 5.29 -24.26
N SER A 195 19.76 4.91 -25.37
CA SER A 195 20.27 5.90 -26.31
C SER A 195 19.14 6.75 -26.89
N ILE A 196 18.03 6.11 -27.25
CA ILE A 196 16.91 6.84 -27.81
C ILE A 196 16.29 7.77 -26.77
N ALA A 197 16.19 7.31 -25.52
CA ALA A 197 15.65 8.15 -24.46
C ALA A 197 16.52 9.38 -24.23
N PHE A 198 17.84 9.20 -24.24
CA PHE A 198 18.72 10.34 -24.07
C PHE A 198 18.61 11.31 -25.24
N LEU A 199 18.53 10.79 -26.48
CA LEU A 199 18.38 11.68 -27.63
C LEU A 199 17.06 12.44 -27.59
N ILE A 200 15.97 11.77 -27.20
CA ILE A 200 14.68 12.46 -27.10
C ILE A 200 14.73 13.54 -26.04
N GLY A 201 15.32 13.24 -24.88
CA GLY A 201 15.42 14.25 -23.84
C GLY A 201 16.26 15.44 -24.26
N LEU A 202 17.38 15.19 -24.93
CA LEU A 202 18.21 16.28 -25.42
C LEU A 202 17.48 17.11 -26.46
N ALA A 203 16.71 16.45 -27.34
CA ALA A 203 15.92 17.18 -28.32
C ALA A 203 14.88 18.07 -27.65
N VAL A 204 14.22 17.57 -26.61
CA VAL A 204 13.26 18.39 -25.86
C VAL A 204 13.95 19.59 -25.24
N ILE A 205 15.13 19.38 -24.65
CA ILE A 205 15.85 20.49 -24.02
C ILE A 205 16.21 21.55 -25.05
N ILE A 206 16.73 21.13 -26.21
CA ILE A 206 17.13 22.08 -27.24
C ILE A 206 15.91 22.84 -27.76
N VAL A 207 14.81 22.14 -28.00
CA VAL A 207 13.61 22.79 -28.51
C VAL A 207 13.11 23.84 -27.53
N ILE A 208 13.03 23.48 -26.24
CA ILE A 208 12.53 24.43 -25.25
C ILE A 208 13.46 25.63 -25.15
N SER A 209 14.78 25.39 -25.11
CA SER A 209 15.72 26.49 -24.97
C SER A 209 15.60 27.47 -26.14
N PHE A 210 15.62 26.97 -27.38
CA PHE A 210 15.54 27.86 -28.52
C PHE A 210 14.18 28.55 -28.60
N LEU A 211 13.10 27.82 -28.34
CA LEU A 211 11.77 28.42 -28.43
C LEU A 211 11.60 29.56 -27.42
N ARG A 212 12.07 29.35 -26.18
CA ARG A 212 11.96 30.42 -25.20
C ARG A 212 12.97 31.53 -25.46
N LEU A 213 14.08 31.22 -26.14
CA LEU A 213 15.04 32.25 -26.48
C LEU A 213 14.50 33.19 -27.55
N LEU A 214 13.72 32.67 -28.51
CA LEU A 214 13.12 33.53 -29.52
C LEU A 214 12.02 34.42 -28.96
N LEU A 215 11.59 34.22 -27.73
CA LEU A 215 10.56 35.04 -27.13
C LEU A 215 11.15 35.99 -26.09
N PRO A 265 17.67 34.75 6.19
CA PRO A 265 18.26 34.68 4.85
C PRO A 265 17.38 33.90 3.89
N PRO A 266 17.54 34.12 2.60
CA PRO A 266 16.75 33.37 1.61
C PRO A 266 17.30 31.96 1.46
N ARG A 267 16.69 31.23 0.53
CA ARG A 267 17.02 29.84 0.29
C ARG A 267 18.00 29.75 -0.87
N LEU A 268 19.07 28.97 -0.70
CA LEU A 268 20.03 28.76 -1.78
C LEU A 268 19.42 27.86 -2.84
N ARG A 269 19.32 28.37 -4.06
CA ARG A 269 18.66 27.63 -5.13
C ARG A 269 19.51 26.48 -5.65
N SER A 270 20.84 26.59 -5.52
CA SER A 270 21.71 25.51 -6.00
C SER A 270 21.62 24.27 -5.12
N VAL A 271 21.42 24.43 -3.82
CA VAL A 271 21.25 23.29 -2.94
C VAL A 271 19.93 22.59 -3.21
N ASP A 272 18.87 23.37 -3.52
CA ASP A 272 17.59 22.77 -3.90
C ASP A 272 17.69 22.05 -5.24
N THR A 273 18.44 22.62 -6.18
CA THR A 273 18.64 21.96 -7.47
C THR A 273 19.40 20.65 -7.30
N PHE A 274 20.44 20.65 -6.46
CA PHE A 274 21.20 19.44 -6.17
C PHE A 274 20.32 18.37 -5.53
N ARG A 275 19.50 18.77 -4.55
CA ARG A 275 18.61 17.81 -3.90
C ARG A 275 17.57 17.28 -4.88
N GLY A 276 17.08 18.13 -5.79
CA GLY A 276 16.12 17.68 -6.77
C GLY A 276 16.70 16.72 -7.79
N ILE A 277 17.96 16.95 -8.20
CA ILE A 277 18.65 16.01 -9.08
C ILE A 277 18.77 14.65 -8.41
N ALA A 278 19.18 14.64 -7.14
CA ALA A 278 19.30 13.39 -6.40
C ALA A 278 17.95 12.69 -6.28
N LEU A 279 16.87 13.47 -6.06
CA LEU A 279 15.55 12.87 -5.92
C LEU A 279 15.06 12.27 -7.23
N ILE A 280 15.31 12.93 -8.35
CA ILE A 280 14.88 12.39 -9.63
C ILE A 280 15.62 11.10 -9.95
N LEU A 281 16.93 11.08 -9.69
CA LEU A 281 17.69 9.84 -9.86
C LEU A 281 17.20 8.74 -8.93
N MET A 282 16.89 9.10 -7.68
CA MET A 282 16.42 8.10 -6.72
C MET A 282 15.10 7.49 -7.14
N VAL A 283 14.16 8.30 -7.62
CA VAL A 283 12.88 7.77 -8.04
C VAL A 283 13.06 6.88 -9.27
N PHE A 284 13.95 7.28 -10.20
CA PHE A 284 14.15 6.47 -11.40
C PHE A 284 14.74 5.10 -11.07
N VAL A 285 15.76 5.06 -10.22
CA VAL A 285 16.43 3.78 -9.98
C VAL A 285 15.65 2.92 -8.99
N ASN A 286 14.91 3.52 -8.06
CA ASN A 286 14.13 2.73 -7.11
C ASN A 286 12.95 2.06 -7.79
N TYR A 287 12.38 2.70 -8.79
CA TYR A 287 11.24 2.13 -9.50
C TYR A 287 11.65 1.06 -10.50
N GLY A 288 12.94 0.83 -10.68
CA GLY A 288 13.42 -0.25 -11.53
C GLY A 288 14.62 0.11 -12.35
N GLY A 289 14.73 1.38 -12.76
CA GLY A 289 15.84 1.81 -13.57
C GLY A 289 15.89 1.22 -14.96
N GLY A 290 14.75 0.82 -15.51
CA GLY A 290 14.71 0.16 -16.79
C GLY A 290 15.15 -1.28 -16.77
N LYS A 291 15.46 -1.83 -15.60
CA LYS A 291 16.01 -3.16 -15.38
C LYS A 291 17.41 -3.31 -15.97
N TYR A 292 18.14 -2.22 -16.12
CA TYR A 292 19.52 -2.24 -16.60
C TYR A 292 20.47 -2.39 -15.41
N TRP A 293 21.57 -3.11 -15.64
CA TRP A 293 22.47 -3.41 -14.52
C TRP A 293 23.20 -2.18 -14.03
N TYR A 294 23.39 -1.18 -14.89
CA TYR A 294 24.10 0.04 -14.50
C TYR A 294 23.19 1.08 -13.88
N PHE A 295 21.87 0.85 -13.89
CA PHE A 295 20.93 1.65 -13.13
C PHE A 295 20.49 0.91 -11.87
N LYS A 296 21.37 0.06 -11.35
CA LYS A 296 21.08 -0.84 -10.25
C LYS A 296 22.32 -0.86 -9.36
N HIS A 297 22.14 -1.26 -8.11
CA HIS A 297 23.26 -1.25 -7.17
C HIS A 297 24.32 -2.26 -7.59
N ALA A 298 25.58 -1.88 -7.42
CA ALA A 298 26.67 -2.80 -7.67
C ALA A 298 26.59 -3.98 -6.71
N SER A 299 27.06 -5.13 -7.16
CA SER A 299 26.97 -6.33 -6.33
C SER A 299 27.77 -6.16 -5.06
N TRP A 300 29.10 -6.05 -5.15
CA TRP A 300 29.88 -5.70 -3.97
C TRP A 300 30.65 -4.40 -4.14
N ASN A 301 31.59 -4.33 -5.09
CA ASN A 301 32.50 -3.19 -5.20
C ASN A 301 32.21 -2.40 -6.46
N GLY A 302 32.65 -1.15 -6.45
CA GLY A 302 32.48 -0.26 -7.58
C GLY A 302 31.28 0.64 -7.43
N LEU A 303 31.00 1.35 -8.53
CA LEU A 303 29.93 2.32 -8.58
C LEU A 303 29.05 2.08 -9.80
N THR A 304 27.75 2.18 -9.59
CA THR A 304 26.80 2.41 -10.67
C THR A 304 26.09 3.73 -10.40
N VAL A 305 25.12 4.06 -11.26
CA VAL A 305 24.35 5.28 -11.06
C VAL A 305 23.50 5.18 -9.80
N ALA A 306 23.04 3.99 -9.45
CA ALA A 306 22.21 3.82 -8.26
C ALA A 306 22.95 4.10 -6.96
N ASP A 307 24.28 4.03 -6.98
CA ASP A 307 25.08 4.17 -5.78
C ASP A 307 25.48 5.60 -5.46
N LEU A 308 24.98 6.58 -6.21
CA LEU A 308 25.41 7.96 -6.04
C LEU A 308 24.49 8.78 -5.13
N VAL A 309 23.21 8.47 -5.06
CA VAL A 309 22.26 9.45 -4.58
C VAL A 309 22.19 9.50 -3.05
N PHE A 310 22.34 8.35 -2.38
CA PHE A 310 22.26 8.33 -0.92
C PHE A 310 23.38 9.12 -0.26
N PRO A 311 24.65 8.97 -0.64
CA PRO A 311 25.67 9.86 -0.06
C PRO A 311 25.43 11.32 -0.35
N TRP A 312 24.85 11.65 -1.51
CA TRP A 312 24.57 13.03 -1.84
C TRP A 312 23.47 13.59 -0.95
N PHE A 313 22.48 12.77 -0.60
CA PHE A 313 21.48 13.19 0.37
C PHE A 313 22.10 13.47 1.73
N VAL A 314 23.02 12.63 2.17
CA VAL A 314 23.71 12.85 3.45
C VAL A 314 24.51 14.15 3.41
N PHE A 315 25.23 14.38 2.31
CA PHE A 315 26.03 15.59 2.15
C PHE A 315 25.15 16.85 2.18
N ILE A 316 24.06 16.83 1.42
CA ILE A 316 23.15 17.98 1.37
C ILE A 316 22.51 18.21 2.73
N MET A 317 22.20 17.13 3.45
CA MET A 317 21.62 17.27 4.79
C MET A 317 22.58 17.94 5.75
N GLY A 318 23.86 17.61 5.67
CA GLY A 318 24.84 18.32 6.49
C GLY A 318 24.94 19.79 6.16
N SER A 319 24.94 20.13 4.87
CA SER A 319 24.95 21.53 4.47
C SER A 319 23.75 22.27 5.04
N SER A 320 22.58 21.66 4.93
CA SER A 320 21.36 22.27 5.45
C SER A 320 21.40 22.39 6.96
N ILE A 321 22.05 21.45 7.65
CA ILE A 321 22.22 21.56 9.10
C ILE A 321 22.93 22.87 9.43
N PHE A 322 24.05 23.14 8.77
CA PHE A 322 24.77 24.36 9.09
C PHE A 322 23.96 25.60 8.71
N LEU A 323 23.35 25.61 7.53
CA LEU A 323 22.62 26.79 7.09
C LEU A 323 21.48 27.12 8.05
N SER A 324 20.62 26.14 8.34
CA SER A 324 19.48 26.41 9.21
C SER A 324 19.91 26.74 10.63
N MET A 325 20.89 26.02 11.17
CA MET A 325 21.31 26.28 12.54
C MET A 325 21.90 27.67 12.69
N THR A 326 22.71 28.11 11.72
CA THR A 326 23.27 29.45 11.78
C THR A 326 22.18 30.50 11.70
N SER A 327 21.21 30.30 10.81
CA SER A 327 20.10 31.25 10.70
C SER A 327 19.30 31.32 11.99
N ILE A 328 19.03 30.17 12.61
CA ILE A 328 18.24 30.15 13.83
C ILE A 328 18.98 30.80 14.98
N LEU A 329 20.28 30.52 15.12
CA LEU A 329 21.02 31.04 16.26
C LEU A 329 21.29 32.53 16.13
N GLN A 330 21.39 33.06 14.91
CA GLN A 330 21.60 34.50 14.80
C GLN A 330 20.33 35.30 15.12
N ARG A 331 19.17 34.67 15.08
CA ARG A 331 17.92 35.32 15.42
C ARG A 331 17.61 35.27 16.92
N GLY A 332 18.47 34.66 17.72
CA GLY A 332 18.34 34.72 19.16
C GLY A 332 17.69 33.52 19.81
N CYS A 333 17.39 32.46 19.06
CA CYS A 333 16.81 31.26 19.65
C CYS A 333 17.82 30.60 20.59
N SER A 334 17.30 29.98 21.64
CA SER A 334 18.15 29.33 22.63
C SER A 334 18.63 27.98 22.12
N LYS A 335 19.70 27.49 22.73
CA LYS A 335 20.28 26.21 22.32
C LYS A 335 19.46 25.03 22.78
N PHE A 336 18.71 25.16 23.89
CA PHE A 336 17.91 24.04 24.39
C PHE A 336 16.65 23.84 23.56
N ARG A 337 16.02 24.91 23.11
CA ARG A 337 14.91 24.78 22.18
C ARG A 337 15.36 24.14 20.87
N LEU A 338 16.55 24.51 20.40
CA LEU A 338 17.09 23.92 19.18
C LEU A 338 17.43 22.45 19.39
N LEU A 339 17.93 22.10 20.59
CA LEU A 339 18.18 20.70 20.91
C LEU A 339 16.88 19.88 20.88
N GLY A 340 15.80 20.45 21.41
CA GLY A 340 14.52 19.77 21.33
C GLY A 340 14.04 19.58 19.90
N LYS A 341 14.27 20.58 19.06
CA LYS A 341 13.94 20.46 17.64
C LYS A 341 14.74 19.33 16.98
N ILE A 342 16.03 19.25 17.27
CA ILE A 342 16.86 18.21 16.70
C ILE A 342 16.39 16.83 17.13
N ALA A 343 16.12 16.67 18.43
CA ALA A 343 15.69 15.38 18.95
C ALA A 343 14.35 14.95 18.36
N TRP A 344 13.41 15.90 18.24
CA TRP A 344 12.11 15.57 17.67
C TRP A 344 12.24 15.13 16.22
N ARG A 345 13.04 15.85 15.43
CA ARG A 345 13.19 15.49 14.01
C ARG A 345 13.87 14.15 13.84
N SER A 346 14.90 13.86 14.64
CA SER A 346 15.57 12.56 14.56
C SER A 346 14.63 11.42 14.91
N PHE A 347 13.84 11.59 15.98
CA PHE A 347 12.88 10.57 16.38
C PHE A 347 11.87 10.30 15.27
N LEU A 348 11.36 11.37 14.64
CA LEU A 348 10.39 11.18 13.56
C LEU A 348 11.01 10.44 12.38
N LEU A 349 12.24 10.79 12.01
CA LEU A 349 12.88 10.12 10.88
C LEU A 349 13.04 8.63 11.14
N ILE A 350 13.52 8.27 12.33
CA ILE A 350 13.74 6.85 12.64
C ILE A 350 12.43 6.09 12.67
N CYS A 351 11.39 6.67 13.28
CA CYS A 351 10.10 5.98 13.37
C CYS A 351 9.45 5.81 12.00
N ILE A 352 9.48 6.86 11.17
CA ILE A 352 8.91 6.74 9.83
C ILE A 352 9.66 5.70 9.03
N GLY A 353 10.98 5.62 9.19
CA GLY A 353 11.74 4.59 8.51
C GLY A 353 11.34 3.19 8.92
N ILE A 354 11.23 2.95 10.22
CA ILE A 354 10.96 1.60 10.72
C ILE A 354 9.54 1.16 10.38
N ILE A 355 8.56 2.05 10.53
CA ILE A 355 7.16 1.64 10.54
C ILE A 355 6.52 1.77 9.16
N ILE A 356 6.94 2.73 8.37
CA ILE A 356 6.29 3.04 7.10
C ILE A 356 7.09 2.54 5.91
N VAL A 357 8.40 2.80 5.89
CA VAL A 357 9.20 2.56 4.70
C VAL A 357 9.73 1.13 4.65
N ASN A 358 10.31 0.65 5.74
CA ASN A 358 10.94 -0.68 5.72
C ASN A 358 9.98 -1.82 5.43
N PRO A 359 8.84 -1.97 6.12
CA PRO A 359 8.05 -3.19 5.96
C PRO A 359 7.41 -3.31 4.59
N ASN A 360 7.22 -4.54 4.15
CA ASN A 360 6.46 -4.86 2.96
C ASN A 360 5.11 -5.37 3.44
N TYR A 361 4.12 -4.49 3.43
CA TYR A 361 2.81 -4.83 3.97
C TYR A 361 1.94 -5.59 2.97
N CYS A 362 2.44 -5.81 1.76
CA CYS A 362 1.75 -6.69 0.81
C CYS A 362 1.89 -8.15 1.22
N LEU A 363 2.85 -8.48 2.07
CA LEU A 363 3.09 -9.85 2.49
C LEU A 363 2.33 -10.26 3.74
N GLY A 364 1.86 -9.30 4.53
CA GLY A 364 1.10 -9.62 5.71
C GLY A 364 1.32 -8.62 6.83
N PRO A 365 0.56 -8.77 7.91
CA PRO A 365 0.68 -7.83 9.03
C PRO A 365 2.03 -7.92 9.72
N LEU A 366 2.43 -6.81 10.33
CA LEU A 366 3.76 -6.71 10.90
C LEU A 366 3.93 -7.66 12.08
N SER A 367 5.01 -8.42 12.06
CA SER A 367 5.41 -9.29 13.15
C SER A 367 6.78 -8.86 13.61
N TRP A 368 6.98 -8.81 14.93
CA TRP A 368 8.22 -8.26 15.47
C TRP A 368 9.43 -9.08 15.07
N ASP A 369 9.30 -10.41 15.02
CA ASP A 369 10.47 -11.24 14.81
C ASP A 369 11.09 -11.05 13.43
N LYS A 370 10.37 -10.43 12.49
CA LYS A 370 10.90 -10.14 11.17
C LYS A 370 10.77 -8.66 10.83
N VAL A 371 11.02 -7.81 11.81
CA VAL A 371 11.05 -6.36 11.60
C VAL A 371 12.50 -5.95 11.35
N ARG A 372 12.74 -5.31 10.21
CA ARG A 372 14.06 -4.77 9.91
C ARG A 372 14.24 -3.45 10.64
N ILE A 373 15.25 -3.39 11.49
CA ILE A 373 15.51 -2.22 12.32
C ILE A 373 16.30 -1.14 11.57
N PRO A 374 17.35 -1.48 10.80
CA PRO A 374 18.07 -0.44 10.06
C PRO A 374 17.36 -0.06 8.76
N GLY A 375 17.86 1.01 8.15
CA GLY A 375 17.26 1.52 6.94
C GLY A 375 17.79 2.89 6.60
N VAL A 376 17.18 3.50 5.58
CA VAL A 376 17.66 4.77 5.05
C VAL A 376 17.34 5.92 6.00
N LEU A 377 16.07 6.04 6.41
CA LEU A 377 15.68 7.15 7.29
C LEU A 377 16.22 6.96 8.69
N GLN A 378 16.45 5.72 9.12
CA GLN A 378 17.14 5.48 10.38
C GLN A 378 18.57 5.99 10.34
N ARG A 379 19.27 5.75 9.23
CA ARG A 379 20.61 6.29 9.05
C ARG A 379 20.61 7.80 9.04
N LEU A 380 19.66 8.40 8.32
CA LEU A 380 19.57 9.85 8.29
C LEU A 380 19.25 10.42 9.67
N GLY A 381 18.37 9.77 10.42
CA GLY A 381 18.03 10.25 11.74
C GLY A 381 19.20 10.21 12.72
N VAL A 382 19.94 9.11 12.73
CA VAL A 382 21.08 9.00 13.65
C VAL A 382 22.20 9.94 13.22
N THR A 383 22.48 10.01 11.92
CA THR A 383 23.51 10.92 11.43
C THR A 383 23.13 12.37 11.70
N TYR A 384 21.88 12.73 11.46
CA TYR A 384 21.42 14.08 11.72
C TYR A 384 21.56 14.43 13.19
N PHE A 385 21.16 13.52 14.08
CA PHE A 385 21.29 13.81 15.50
C PHE A 385 22.73 14.07 15.88
N VAL A 386 23.64 13.19 15.47
CA VAL A 386 25.03 13.31 15.90
C VAL A 386 25.66 14.59 15.34
N VAL A 387 25.46 14.84 14.04
CA VAL A 387 26.12 15.99 13.42
C VAL A 387 25.48 17.30 13.89
N ALA A 388 24.16 17.34 14.02
CA ALA A 388 23.50 18.56 14.48
C ALA A 388 23.84 18.89 15.92
N VAL A 389 23.89 17.89 16.80
CA VAL A 389 24.27 18.15 18.18
C VAL A 389 25.74 18.55 18.27
N LEU A 390 26.59 17.97 17.42
CA LEU A 390 28.00 18.34 17.41
C LEU A 390 28.18 19.79 16.98
N GLU A 391 27.43 20.23 15.97
CA GLU A 391 27.49 21.64 15.58
C GLU A 391 26.86 22.55 16.63
N LEU A 392 25.82 22.08 17.31
CA LEU A 392 25.18 22.89 18.34
C LEU A 392 26.12 23.16 19.50
N LEU A 393 26.89 22.15 19.92
CA LEU A 393 27.81 22.33 21.04
C LEU A 393 28.83 23.42 20.78
N PHE A 394 29.50 23.35 19.63
CA PHE A 394 30.59 24.26 19.32
C PHE A 394 30.18 25.31 18.29
N ALA A 395 28.92 25.73 18.32
CA ALA A 395 28.45 26.74 17.39
C ALA A 395 29.08 28.09 17.71
N LYS A 396 29.61 28.75 16.68
CA LYS A 396 30.19 30.07 16.80
C LYS A 396 29.60 30.97 15.72
N PRO A 397 29.51 32.27 15.97
CA PRO A 397 28.99 33.19 14.96
C PRO A 397 29.90 33.25 13.75
N VAL A 398 29.29 33.53 12.60
CA VAL A 398 30.02 33.70 11.36
C VAL A 398 30.63 35.11 11.34
N PRO A 399 31.94 35.24 11.21
CA PRO A 399 32.56 36.57 11.17
C PRO A 399 32.46 37.17 9.77
N GLU A 400 33.03 38.35 9.61
CA GLU A 400 33.04 39.02 8.33
C GLU A 400 34.43 39.54 7.97
N CYS A 408 40.83 35.76 1.66
CA CYS A 408 41.53 35.22 0.50
C CYS A 408 42.46 34.09 0.90
N LEU A 409 43.25 34.32 1.95
CA LEU A 409 44.16 33.30 2.47
C LEU A 409 43.69 32.75 3.81
N SER A 410 42.47 33.09 4.23
CA SER A 410 41.99 32.71 5.54
C SER A 410 41.64 31.23 5.60
N LEU A 411 41.85 30.63 6.77
CA LEU A 411 41.45 29.25 7.04
C LEU A 411 40.45 29.17 8.18
N ARG A 412 39.69 30.24 8.42
CA ARG A 412 38.89 30.31 9.63
C ARG A 412 37.68 29.40 9.59
N ASP A 413 37.25 28.95 8.41
CA ASP A 413 36.15 27.99 8.38
C ASP A 413 36.59 26.62 8.85
N ILE A 414 37.88 26.32 8.73
CA ILE A 414 38.43 25.07 9.23
C ILE A 414 39.00 25.23 10.63
N THR A 415 39.67 26.34 10.88
CA THR A 415 40.34 26.55 12.17
C THR A 415 39.34 26.74 13.30
N SER A 416 38.22 27.42 13.03
CA SER A 416 37.27 27.72 14.09
C SER A 416 36.48 26.51 14.55
N SER A 417 36.58 25.38 13.86
CA SER A 417 35.84 24.18 14.20
C SER A 417 36.77 22.99 14.36
N TRP A 418 37.88 23.20 15.06
CA TRP A 418 38.84 22.14 15.30
C TRP A 418 38.35 21.07 16.28
N PRO A 419 37.47 21.36 17.26
CA PRO A 419 36.89 20.25 18.05
C PRO A 419 36.07 19.28 17.22
N GLN A 420 35.28 19.79 16.28
CA GLN A 420 34.55 18.90 15.37
C GLN A 420 35.50 18.02 14.58
N TRP A 421 36.57 18.60 14.04
CA TRP A 421 37.51 17.83 13.23
C TRP A 421 38.21 16.78 14.07
N LEU A 422 38.57 17.12 15.30
CA LEU A 422 39.22 16.14 16.17
C LEU A 422 38.30 14.96 16.44
N LEU A 423 37.03 15.22 16.73
CA LEU A 423 36.10 14.11 16.99
C LEU A 423 35.81 13.32 15.73
N ILE A 424 35.77 13.96 14.57
CA ILE A 424 35.55 13.23 13.33
C ILE A 424 36.73 12.31 13.02
N LEU A 425 37.95 12.78 13.24
CA LEU A 425 39.10 11.90 13.01
C LEU A 425 39.16 10.76 14.01
N VAL A 426 38.71 10.98 15.24
CA VAL A 426 38.63 9.88 16.19
C VAL A 426 37.59 8.85 15.74
N LEU A 427 36.45 9.31 15.24
CA LEU A 427 35.45 8.37 14.72
C LEU A 427 35.98 7.59 13.53
N GLU A 428 36.69 8.25 12.63
CA GLU A 428 37.24 7.54 11.47
C GLU A 428 38.31 6.55 11.88
N GLY A 429 39.12 6.88 12.89
CA GLY A 429 40.06 5.92 13.43
C GLY A 429 39.36 4.71 14.01
N LEU A 430 38.22 4.92 14.68
CA LEU A 430 37.44 3.81 15.20
C LEU A 430 36.91 2.92 14.07
N TRP A 431 36.42 3.51 13.00
CA TRP A 431 35.93 2.73 11.87
C TRP A 431 37.03 1.89 11.25
N LEU A 432 38.21 2.50 11.03
CA LEU A 432 39.32 1.76 10.45
C LEU A 432 39.79 0.64 11.38
N GLY A 433 39.84 0.91 12.68
CA GLY A 433 40.27 -0.11 13.62
C GLY A 433 39.32 -1.29 13.69
N LEU A 434 38.01 -1.02 13.76
CA LEU A 434 37.06 -2.12 13.81
C LEU A 434 36.98 -2.87 12.49
N THR A 435 37.22 -2.19 11.37
CA THR A 435 37.15 -2.84 10.07
C THR A 435 38.36 -3.72 9.80
N PHE A 436 39.55 -3.29 10.20
CA PHE A 436 40.76 -4.00 9.82
C PHE A 436 41.39 -4.81 10.95
N LEU A 437 40.94 -4.64 12.19
CA LEU A 437 41.58 -5.30 13.32
C LEU A 437 40.66 -6.06 14.24
N LEU A 438 39.35 -5.87 14.16
CA LEU A 438 38.44 -6.63 15.00
C LEU A 438 38.40 -8.09 14.56
N PRO A 439 38.68 -9.05 15.44
CA PRO A 439 38.60 -10.46 15.04
C PRO A 439 37.16 -10.94 14.96
N VAL A 440 36.82 -11.58 13.85
CA VAL A 440 35.49 -12.11 13.60
C VAL A 440 35.58 -13.64 13.70
N PRO A 441 34.73 -14.29 14.50
CA PRO A 441 34.90 -15.72 14.75
C PRO A 441 34.75 -16.55 13.48
N GLY A 442 35.70 -17.44 13.26
CA GLY A 442 35.67 -18.30 12.09
C GLY A 442 35.68 -17.55 10.77
N CYS A 443 36.44 -16.46 10.70
CA CYS A 443 36.40 -15.61 9.52
C CYS A 443 37.62 -14.70 9.57
N PRO A 444 38.23 -14.39 8.44
CA PRO A 444 39.49 -13.63 8.48
C PRO A 444 39.32 -12.24 9.08
N THR A 445 40.40 -11.76 9.69
CA THR A 445 40.43 -10.41 10.22
C THR A 445 40.73 -9.42 9.10
N GLY A 446 39.95 -8.36 9.01
CA GLY A 446 40.11 -7.40 7.94
C GLY A 446 39.43 -7.80 6.66
N TYR A 447 38.51 -8.76 6.70
CA TYR A 447 37.86 -9.24 5.49
C TYR A 447 36.93 -8.18 4.91
N LEU A 448 37.10 -7.90 3.63
CA LEU A 448 36.32 -6.86 2.96
C LEU A 448 35.50 -7.40 1.79
N GLY A 449 35.42 -8.72 1.63
CA GLY A 449 34.76 -9.31 0.50
C GLY A 449 33.33 -9.72 0.77
N PRO A 450 32.67 -10.30 -0.24
CA PRO A 450 31.24 -10.61 -0.12
C PRO A 450 30.91 -11.99 0.42
N GLY A 451 31.88 -12.89 0.57
CA GLY A 451 31.50 -14.25 0.88
C GLY A 451 30.86 -14.92 -0.32
N GLY A 452 29.98 -15.88 -0.05
CA GLY A 452 29.35 -16.62 -1.12
C GLY A 452 30.37 -17.41 -1.91
N ILE A 453 30.28 -17.32 -3.24
CA ILE A 453 31.28 -17.95 -4.10
C ILE A 453 32.46 -17.03 -4.36
N GLY A 454 32.43 -15.81 -3.86
CA GLY A 454 33.55 -14.91 -4.04
C GLY A 454 34.74 -15.29 -3.20
N ASP A 455 35.91 -14.84 -3.64
CA ASP A 455 37.19 -15.19 -3.04
C ASP A 455 37.40 -16.70 -3.03
N PHE A 456 36.98 -17.34 -4.13
CA PHE A 456 37.11 -18.78 -4.33
C PHE A 456 36.35 -19.59 -3.29
N GLY A 457 35.26 -19.03 -2.78
CA GLY A 457 34.36 -19.77 -1.91
C GLY A 457 34.95 -20.18 -0.59
N LYS A 458 36.06 -19.57 -0.17
CA LYS A 458 36.71 -19.94 1.08
C LYS A 458 36.00 -19.40 2.30
N TYR A 459 35.21 -18.35 2.15
CA TYR A 459 34.53 -17.71 3.29
C TYR A 459 33.05 -17.51 2.94
N PRO A 460 32.29 -18.59 2.77
CA PRO A 460 30.92 -18.44 2.24
C PRO A 460 30.01 -17.61 3.12
N ASN A 461 30.19 -17.64 4.44
CA ASN A 461 29.26 -17.02 5.37
C ASN A 461 29.79 -15.71 5.93
N CYS A 462 30.78 -15.11 5.28
CA CYS A 462 31.50 -13.95 5.80
C CYS A 462 31.12 -12.64 5.09
N THR A 463 29.91 -12.54 4.59
CA THR A 463 29.49 -11.33 3.93
C THR A 463 29.53 -10.15 4.88
N GLY A 464 30.36 -9.16 4.57
CA GLY A 464 30.46 -7.94 5.32
C GLY A 464 31.67 -7.82 6.21
N GLY A 465 32.27 -8.93 6.63
CA GLY A 465 33.41 -8.85 7.53
C GLY A 465 32.96 -8.49 8.93
N ALA A 466 33.61 -7.47 9.50
CA ALA A 466 33.26 -7.04 10.85
C ALA A 466 31.96 -6.26 10.90
N ALA A 467 31.59 -5.58 9.81
CA ALA A 467 30.33 -4.84 9.78
C ALA A 467 29.15 -5.80 9.88
N GLY A 468 29.14 -6.85 9.07
CA GLY A 468 28.08 -7.83 9.15
C GLY A 468 28.09 -8.57 10.48
N TYR A 469 29.28 -8.83 11.02
CA TYR A 469 29.38 -9.49 12.31
C TYR A 469 28.75 -8.64 13.41
N ILE A 470 29.03 -7.34 13.43
CA ILE A 470 28.44 -6.47 14.44
C ILE A 470 26.93 -6.38 14.28
N ASP A 471 26.44 -6.29 13.04
CA ASP A 471 24.99 -6.25 12.82
C ASP A 471 24.33 -7.53 13.31
N ARG A 472 24.90 -8.68 12.99
CA ARG A 472 24.31 -9.95 13.41
C ARG A 472 24.43 -10.15 14.92
N LEU A 473 25.48 -9.63 15.53
CA LEU A 473 25.68 -9.80 16.96
C LEU A 473 24.75 -8.91 17.77
N LEU A 474 24.52 -7.68 17.34
CA LEU A 474 23.74 -6.74 18.12
C LEU A 474 22.26 -6.75 17.77
N LEU A 475 21.91 -7.04 16.52
CA LEU A 475 20.52 -7.03 16.10
C LEU A 475 19.98 -8.41 15.76
N GLY A 476 20.82 -9.32 15.31
CA GLY A 476 20.34 -10.62 14.88
C GLY A 476 19.97 -10.62 13.41
N ASP A 477 20.10 -11.79 12.79
CA ASP A 477 19.91 -11.91 11.35
C ASP A 477 18.49 -11.55 10.92
N ASP A 478 17.51 -11.78 11.78
CA ASP A 478 16.12 -11.58 11.41
C ASP A 478 15.72 -10.11 11.34
N HIS A 479 16.52 -9.22 11.93
CA HIS A 479 16.25 -7.80 11.91
C HIS A 479 17.14 -7.06 10.93
N LEU A 480 17.77 -7.76 10.00
CA LEU A 480 18.62 -7.18 8.99
C LEU A 480 17.97 -7.32 7.61
N TYR A 481 18.64 -6.74 6.63
CA TYR A 481 18.19 -6.82 5.24
C TYR A 481 18.36 -8.24 4.73
N GLN A 482 17.29 -8.78 4.15
CA GLN A 482 17.29 -10.17 3.72
C GLN A 482 17.67 -10.34 2.25
N HIS A 483 17.86 -9.24 1.52
CA HIS A 483 18.19 -9.29 0.09
C HIS A 483 19.38 -8.39 -0.21
N PRO A 484 20.56 -8.72 0.31
CA PRO A 484 21.75 -7.93 -0.05
C PRO A 484 22.02 -8.01 -1.55
N SER A 485 22.62 -6.94 -2.08
CA SER A 485 22.85 -6.86 -3.52
C SER A 485 23.88 -7.88 -4.00
N SER A 486 24.65 -8.48 -3.09
CA SER A 486 25.64 -9.48 -3.44
C SER A 486 25.02 -10.85 -3.67
N ALA A 487 23.74 -11.04 -3.36
CA ALA A 487 23.13 -12.35 -3.41
C ALA A 487 22.95 -12.87 -4.82
N VAL A 488 23.01 -12.00 -5.83
CA VAL A 488 22.70 -12.41 -7.19
C VAL A 488 23.97 -12.80 -7.95
N LEU A 489 25.07 -12.11 -7.67
CA LEU A 489 26.33 -12.39 -8.35
C LEU A 489 27.24 -13.33 -7.56
N TYR A 490 27.29 -13.19 -6.25
CA TYR A 490 28.16 -14.02 -5.42
C TYR A 490 27.41 -15.11 -4.68
N HIS A 491 26.09 -15.19 -4.83
CA HIS A 491 25.28 -16.25 -4.25
C HIS A 491 25.47 -16.33 -2.74
N THR A 492 25.44 -15.18 -2.10
CA THR A 492 25.54 -15.15 -0.65
C THR A 492 24.22 -15.60 -0.03
N GLU A 493 24.31 -16.28 1.10
CA GLU A 493 23.12 -16.82 1.76
C GLU A 493 22.83 -16.17 3.10
N VAL A 494 23.75 -15.41 3.67
CA VAL A 494 23.52 -14.74 4.94
C VAL A 494 22.86 -13.39 4.69
N ALA A 495 22.18 -12.88 5.71
CA ALA A 495 21.57 -11.57 5.65
C ALA A 495 22.60 -10.50 5.98
N TYR A 496 22.68 -9.48 5.15
CA TYR A 496 23.56 -8.35 5.38
C TYR A 496 22.78 -7.07 5.15
N ASP A 497 22.98 -6.09 6.02
CA ASP A 497 22.23 -4.84 5.94
C ASP A 497 23.14 -3.70 5.52
N PRO A 498 22.93 -3.10 4.34
CA PRO A 498 23.81 -2.01 3.90
C PRO A 498 23.77 -0.80 4.81
N GLU A 499 22.65 -0.55 5.48
CA GLU A 499 22.52 0.52 6.46
C GLU A 499 22.77 0.02 7.88
N GLY A 500 23.89 -0.66 8.10
CA GLY A 500 24.18 -1.23 9.39
C GLY A 500 24.75 -0.23 10.37
N ILE A 501 25.31 -0.77 11.45
CA ILE A 501 25.76 0.05 12.56
C ILE A 501 27.14 0.64 12.30
N LEU A 502 28.04 -0.14 11.68
CA LEU A 502 29.43 0.31 11.56
C LEU A 502 29.59 1.39 10.49
N GLY A 503 28.76 1.39 9.46
CA GLY A 503 28.83 2.40 8.43
C GLY A 503 28.21 3.73 8.77
N THR A 504 27.58 3.81 9.95
CA THR A 504 27.06 5.09 10.41
C THR A 504 28.17 6.08 10.70
N ILE A 505 29.36 5.58 11.06
CA ILE A 505 30.52 6.45 11.25
C ILE A 505 30.84 7.19 9.95
N ASN A 506 30.83 6.46 8.83
CA ASN A 506 31.15 7.08 7.55
C ASN A 506 29.99 7.92 7.01
N SER A 507 28.75 7.60 7.39
CA SER A 507 27.65 8.52 7.12
C SER A 507 27.87 9.85 7.85
N ILE A 508 28.34 9.78 9.09
CA ILE A 508 28.61 10.99 9.86
C ILE A 508 29.74 11.78 9.24
N VAL A 509 30.77 11.10 8.73
CA VAL A 509 31.86 11.79 8.03
C VAL A 509 31.34 12.49 6.79
N MET A 510 30.48 11.83 6.02
CA MET A 510 29.91 12.44 4.81
C MET A 510 29.08 13.67 5.16
N ALA A 511 28.26 13.59 6.20
CA ALA A 511 27.45 14.73 6.60
C ALA A 511 28.30 15.88 7.10
N PHE A 512 29.41 15.58 7.78
CA PHE A 512 30.30 16.63 8.24
C PHE A 512 31.03 17.31 7.08
N LEU A 513 31.33 16.57 6.02
CA LEU A 513 31.85 17.22 4.81
C LEU A 513 30.82 18.14 4.18
N GLY A 514 29.54 17.75 4.22
CA GLY A 514 28.49 18.65 3.80
C GLY A 514 28.41 19.90 4.66
N VAL A 515 28.64 19.74 5.96
CA VAL A 515 28.68 20.89 6.87
C VAL A 515 29.79 21.84 6.46
N GLN A 516 30.95 21.30 6.07
CA GLN A 516 32.03 22.16 5.59
C GLN A 516 31.63 22.92 4.34
N ALA A 517 30.90 22.28 3.43
CA ALA A 517 30.41 23.00 2.26
C ALA A 517 29.52 24.17 2.66
N GLY A 518 28.62 23.96 3.63
CA GLY A 518 27.80 25.06 4.12
C GLY A 518 28.59 26.17 4.77
N LYS A 519 29.63 25.81 5.52
CA LYS A 519 30.49 26.82 6.15
C LYS A 519 31.22 27.65 5.11
N ILE A 520 31.68 27.02 4.02
CA ILE A 520 32.28 27.80 2.93
C ILE A 520 31.25 28.76 2.34
N LEU A 521 30.02 28.29 2.15
CA LEU A 521 29.00 29.15 1.55
C LEU A 521 28.71 30.38 2.41
N LEU A 522 28.70 30.22 3.74
CA LEU A 522 28.32 31.35 4.59
C LEU A 522 29.51 32.20 5.02
N TYR A 523 30.67 31.61 5.27
CA TYR A 523 31.82 32.41 5.69
C TYR A 523 32.28 33.37 4.61
N TYR A 524 32.28 32.93 3.36
CA TYR A 524 32.75 33.72 2.23
C TYR A 524 31.59 34.05 1.29
N LYS A 525 30.45 34.40 1.86
CA LYS A 525 29.25 34.66 1.06
C LYS A 525 29.44 35.88 0.17
N ALA A 526 30.15 36.89 0.65
CA ALA A 526 30.35 38.10 -0.13
C ALA A 526 31.17 37.84 -1.39
N ARG A 527 32.18 36.98 -1.29
CA ARG A 527 33.17 36.79 -2.35
C ARG A 527 32.90 35.46 -3.04
N THR A 528 32.48 35.52 -4.31
CA THR A 528 32.27 34.30 -5.08
C THR A 528 33.60 33.60 -5.39
N LYS A 529 34.65 34.39 -5.61
CA LYS A 529 35.96 33.83 -5.95
C LYS A 529 36.49 32.94 -4.83
N ASP A 530 36.31 33.36 -3.58
CA ASP A 530 36.73 32.52 -2.45
C ASP A 530 35.93 31.23 -2.37
N ILE A 531 34.62 31.29 -2.60
CA ILE A 531 33.82 30.07 -2.57
C ILE A 531 34.26 29.10 -3.65
N LEU A 532 34.53 29.60 -4.85
CA LEU A 532 34.94 28.72 -5.93
C LEU A 532 36.30 28.09 -5.66
N ILE A 533 37.25 28.86 -5.12
CA ILE A 533 38.56 28.29 -4.81
C ILE A 533 38.44 27.24 -3.72
N ARG A 534 37.64 27.50 -2.69
CA ARG A 534 37.48 26.51 -1.62
C ARG A 534 36.84 25.23 -2.12
N PHE A 535 35.80 25.34 -2.95
CA PHE A 535 35.17 24.15 -3.52
C PHE A 535 36.15 23.37 -4.38
N THR A 536 36.94 24.06 -5.21
CA THR A 536 37.92 23.39 -6.04
C THR A 536 38.97 22.67 -5.20
N ALA A 537 39.46 23.32 -4.14
CA ALA A 537 40.49 22.71 -3.31
C ALA A 537 39.97 21.48 -2.59
N TRP A 538 38.75 21.54 -2.05
CA TRP A 538 38.20 20.38 -1.36
C TRP A 538 37.94 19.23 -2.31
N CYS A 539 37.42 19.53 -3.50
CA CYS A 539 37.22 18.50 -4.52
C CYS A 539 38.53 17.82 -4.88
N CYS A 540 39.61 18.60 -5.05
CA CYS A 540 40.89 18.01 -5.43
C CYS A 540 41.47 17.15 -4.31
N ILE A 541 41.41 17.62 -3.06
CA ILE A 541 41.97 16.86 -1.96
C ILE A 541 41.24 15.53 -1.80
N LEU A 542 39.90 15.57 -1.81
CA LEU A 542 39.15 14.33 -1.63
C LEU A 542 39.32 13.40 -2.82
N GLY A 543 39.44 13.93 -4.03
CA GLY A 543 39.71 13.08 -5.18
C GLY A 543 41.07 12.40 -5.09
N LEU A 544 42.08 13.12 -4.59
CA LEU A 544 43.40 12.52 -4.45
C LEU A 544 43.39 11.42 -3.39
N ILE A 545 42.65 11.62 -2.31
CA ILE A 545 42.53 10.58 -1.30
C ILE A 545 41.83 9.35 -1.87
N SER A 546 40.79 9.56 -2.67
CA SER A 546 40.11 8.43 -3.30
C SER A 546 41.03 7.67 -4.24
N VAL A 547 41.83 8.40 -5.03
CA VAL A 547 42.78 7.76 -5.93
C VAL A 547 43.79 6.93 -5.14
N ALA A 548 44.29 7.47 -4.02
CA ALA A 548 45.25 6.73 -3.22
C ALA A 548 44.63 5.47 -2.61
N LEU A 549 43.38 5.57 -2.15
CA LEU A 549 42.76 4.42 -1.47
C LEU A 549 42.36 3.33 -2.45
N THR A 550 41.78 3.70 -3.59
CA THR A 550 41.26 2.70 -4.53
C THR A 550 42.31 2.20 -5.52
N LYS A 551 43.40 2.94 -5.71
CA LYS A 551 44.38 2.67 -6.77
C LYS A 551 43.72 2.62 -8.14
N VAL A 552 42.60 3.34 -8.29
CA VAL A 552 41.87 3.47 -9.54
C VAL A 552 41.55 2.07 -10.06
N SER A 553 40.75 1.33 -9.30
CA SER A 553 40.38 -0.03 -9.66
C SER A 553 39.18 -0.44 -8.83
N GLU A 554 38.38 -1.35 -9.38
CA GLU A 554 37.15 -1.76 -8.70
C GLU A 554 37.43 -2.59 -7.47
N ASN A 555 38.31 -3.60 -7.60
CA ASN A 555 38.49 -4.60 -6.56
C ASN A 555 39.86 -4.58 -5.91
N GLU A 556 40.81 -3.83 -6.44
CA GLU A 556 42.12 -3.70 -5.84
C GLU A 556 42.13 -2.44 -4.97
N GLY A 557 43.27 -2.17 -4.36
CA GLY A 557 43.33 -0.99 -3.52
C GLY A 557 43.13 -1.32 -2.06
N PHE A 558 43.68 -0.48 -1.20
CA PHE A 558 43.64 -0.74 0.24
C PHE A 558 42.20 -0.73 0.75
N ILE A 559 41.39 0.24 0.30
CA ILE A 559 39.97 0.29 0.59
C ILE A 559 39.21 0.50 -0.70
N PRO A 560 38.62 -0.53 -1.30
CA PRO A 560 37.83 -0.33 -2.51
C PRO A 560 36.53 0.41 -2.23
N VAL A 561 35.93 0.95 -3.28
CA VAL A 561 34.65 1.64 -3.15
C VAL A 561 33.56 0.62 -2.96
N ASN A 562 32.79 0.75 -1.88
CA ASN A 562 31.77 -0.23 -1.52
C ASN A 562 30.62 0.51 -0.86
N LYS A 563 29.46 0.51 -1.49
CA LYS A 563 28.29 1.12 -0.87
C LYS A 563 27.76 0.29 0.28
N ASN A 564 27.88 -1.03 0.20
CA ASN A 564 27.39 -1.88 1.27
C ASN A 564 28.13 -1.64 2.57
N LEU A 565 29.44 -1.48 2.50
CA LEU A 565 30.24 -1.22 3.69
C LEU A 565 30.31 0.26 4.05
N TRP A 566 29.84 1.15 3.18
CA TRP A 566 30.04 2.60 3.31
C TRP A 566 31.50 2.90 3.62
N SER A 567 32.38 2.39 2.75
CA SER A 567 33.80 2.47 3.00
C SER A 567 34.30 3.91 2.92
N LEU A 568 35.54 4.11 3.36
CA LEU A 568 36.11 5.45 3.37
C LEU A 568 36.28 6.00 1.97
N SER A 569 36.73 5.17 1.03
CA SER A 569 36.92 5.64 -0.34
C SER A 569 35.58 5.91 -1.02
N TYR A 570 34.52 5.22 -0.63
CA TYR A 570 33.19 5.55 -1.10
C TYR A 570 32.80 6.97 -0.68
N VAL A 571 33.09 7.32 0.57
CA VAL A 571 32.74 8.64 1.09
C VAL A 571 33.57 9.72 0.41
N THR A 572 34.88 9.51 0.30
CA THR A 572 35.74 10.53 -0.30
C THR A 572 35.41 10.72 -1.78
N THR A 573 35.12 9.63 -2.50
CA THR A 573 34.77 9.73 -3.91
C THR A 573 33.48 10.52 -4.11
N LEU A 574 32.44 10.17 -3.35
CA LEU A 574 31.14 10.81 -3.57
C LEU A 574 31.13 12.25 -3.06
N SER A 575 31.93 12.56 -2.03
CA SER A 575 32.01 13.93 -1.57
C SER A 575 32.84 14.79 -2.52
N SER A 576 33.84 14.21 -3.17
CA SER A 576 34.52 14.90 -4.25
C SER A 576 33.56 15.25 -5.38
N PHE A 577 32.70 14.29 -5.74
CA PHE A 577 31.69 14.57 -6.76
C PHE A 577 30.74 15.67 -6.30
N ALA A 578 30.36 15.67 -5.02
CA ALA A 578 29.43 16.67 -4.52
C ALA A 578 30.05 18.08 -4.53
N PHE A 579 31.33 18.19 -4.17
CA PHE A 579 31.99 19.48 -4.24
C PHE A 579 32.11 19.98 -5.68
N PHE A 580 32.36 19.07 -6.63
CA PHE A 580 32.37 19.48 -8.03
C PHE A 580 31.00 19.93 -8.50
N ILE A 581 29.94 19.22 -8.09
CA ILE A 581 28.59 19.60 -8.47
C ILE A 581 28.26 20.99 -7.94
N LEU A 582 28.62 21.27 -6.69
CA LEU A 582 28.40 22.60 -6.14
C LEU A 582 29.24 23.64 -6.86
N LEU A 583 30.48 23.30 -7.20
CA LEU A 583 31.34 24.22 -7.93
C LEU A 583 30.72 24.64 -9.26
N VAL A 584 29.98 23.75 -9.90
CA VAL A 584 29.33 24.11 -11.16
C VAL A 584 28.00 24.82 -10.91
N LEU A 585 27.20 24.32 -9.96
CA LEU A 585 25.84 24.83 -9.77
C LEU A 585 25.80 26.20 -9.08
N TYR A 586 26.72 26.49 -8.17
CA TYR A 586 26.65 27.74 -7.44
C TYR A 586 26.77 28.97 -8.34
N PRO A 587 27.79 29.10 -9.19
CA PRO A 587 27.85 30.30 -10.04
C PRO A 587 26.75 30.35 -11.08
N VAL A 588 26.40 29.21 -11.67
CA VAL A 588 25.40 29.20 -12.73
C VAL A 588 24.02 29.55 -12.20
N VAL A 589 23.62 28.93 -11.08
CA VAL A 589 22.26 29.06 -10.60
C VAL A 589 22.11 30.21 -9.61
N ASP A 590 23.07 30.39 -8.70
CA ASP A 590 22.91 31.37 -7.64
C ASP A 590 23.52 32.73 -7.95
N VAL A 591 24.71 32.77 -8.53
CA VAL A 591 25.41 34.03 -8.73
C VAL A 591 25.03 34.66 -10.06
N LYS A 592 25.35 33.98 -11.16
CA LYS A 592 25.07 34.53 -12.47
C LYS A 592 23.58 34.60 -12.75
N GLY A 593 22.84 33.57 -12.36
CA GLY A 593 21.42 33.50 -12.67
C GLY A 593 21.10 32.97 -14.04
N LEU A 594 22.04 32.28 -14.69
CA LEU A 594 21.81 31.74 -16.02
C LEU A 594 20.72 30.68 -16.04
N TRP A 595 20.45 30.05 -14.90
CA TRP A 595 19.51 28.96 -14.81
C TRP A 595 18.78 29.07 -13.48
N THR A 596 17.49 28.75 -13.48
CA THR A 596 16.73 28.77 -12.24
C THR A 596 16.74 27.43 -11.53
N GLY A 597 17.22 26.38 -12.17
CA GLY A 597 17.18 25.06 -11.60
C GLY A 597 16.03 24.20 -12.06
N THR A 598 15.22 24.67 -12.99
CA THR A 598 14.06 23.92 -13.45
C THR A 598 14.51 22.66 -14.19
N PRO A 599 13.83 21.53 -13.98
CA PRO A 599 12.70 21.32 -13.07
C PRO A 599 13.11 20.65 -11.77
N PHE A 600 14.35 20.81 -11.32
CA PHE A 600 14.86 20.04 -10.19
C PHE A 600 14.54 20.66 -8.84
N PHE A 601 14.49 21.98 -8.75
CA PHE A 601 14.26 22.58 -7.44
C PHE A 601 12.82 22.36 -6.96
N TYR A 602 11.90 21.99 -7.84
CA TYR A 602 10.56 21.64 -7.38
C TYR A 602 10.55 20.38 -6.53
N PRO A 603 11.11 19.24 -6.97
CA PRO A 603 11.29 18.13 -6.03
C PRO A 603 12.21 18.46 -4.89
N GLY A 604 13.24 19.28 -5.11
CA GLY A 604 14.22 19.58 -4.09
C GLY A 604 13.68 20.35 -2.90
N MET A 605 12.47 20.89 -3.00
CA MET A 605 11.84 21.61 -1.90
C MET A 605 10.76 20.81 -1.20
N ASN A 606 10.45 19.60 -1.66
CA ASN A 606 9.53 18.66 -1.03
C ASN A 606 10.13 17.26 -1.00
N SER A 607 11.38 17.16 -0.56
CA SER A 607 12.10 15.89 -0.66
C SER A 607 11.47 14.81 0.19
N ILE A 608 11.00 15.14 1.41
CA ILE A 608 10.43 14.13 2.28
C ILE A 608 9.08 13.65 1.74
N LEU A 609 8.28 14.57 1.18
CA LEU A 609 7.02 14.16 0.54
C LEU A 609 7.27 13.25 -0.64
N VAL A 610 8.23 13.60 -1.49
CA VAL A 610 8.53 12.78 -2.66
C VAL A 610 9.03 11.41 -2.25
N TYR A 611 9.91 11.35 -1.24
CA TYR A 611 10.48 10.08 -0.82
C TYR A 611 9.42 9.17 -0.20
N VAL A 612 8.75 9.66 0.85
CA VAL A 612 7.71 8.86 1.48
C VAL A 612 6.60 8.54 0.49
N GLY A 613 6.30 9.47 -0.40
CA GLY A 613 5.26 9.24 -1.39
C GLY A 613 5.60 8.13 -2.38
N HIS A 614 6.84 8.09 -2.87
CA HIS A 614 7.11 7.08 -3.89
C HIS A 614 7.28 5.73 -3.23
N GLU A 615 7.58 5.70 -1.93
CA GLU A 615 7.55 4.45 -1.18
C GLU A 615 6.12 3.95 -1.01
N VAL A 616 5.21 4.83 -0.61
CA VAL A 616 3.84 4.40 -0.31
C VAL A 616 3.10 4.03 -1.59
N PHE A 617 3.28 4.80 -2.66
CA PHE A 617 2.50 4.62 -3.87
C PHE A 617 3.31 4.00 -5.00
N GLU A 618 4.25 3.11 -4.65
CA GLU A 618 5.09 2.48 -5.66
C GLU A 618 4.30 1.61 -6.61
N ASN A 619 3.33 0.86 -6.10
CA ASN A 619 2.56 -0.11 -6.88
C ASN A 619 1.34 0.49 -7.56
N TYR A 620 0.99 1.72 -7.23
CA TYR A 620 -0.23 2.34 -7.73
C TYR A 620 -0.08 2.78 -9.18
N PHE A 621 -1.19 2.82 -9.88
CA PHE A 621 -1.32 3.49 -11.15
C PHE A 621 -1.42 5.00 -10.91
N PRO A 622 -0.78 5.84 -11.74
CA PRO A 622 -0.09 5.58 -13.01
C PRO A 622 1.40 5.31 -12.88
N PHE A 623 1.92 5.07 -11.67
CA PHE A 623 3.34 4.80 -11.53
C PHE A 623 3.70 3.40 -12.03
N GLN A 624 2.72 2.50 -12.10
CA GLN A 624 2.99 1.11 -12.43
C GLN A 624 1.73 0.51 -13.04
N TRP A 625 1.88 -0.13 -14.19
CA TRP A 625 0.77 -0.83 -14.82
C TRP A 625 1.27 -2.16 -15.35
N LYS A 626 0.34 -2.96 -15.85
CA LYS A 626 0.67 -4.27 -16.38
C LYS A 626 1.34 -4.12 -17.75
N LEU A 627 2.50 -4.77 -17.90
CA LEU A 627 3.26 -4.66 -19.14
C LEU A 627 2.91 -5.80 -20.09
N LYS A 628 2.97 -5.50 -21.39
CA LYS A 628 2.80 -6.53 -22.41
C LYS A 628 3.91 -7.56 -22.32
N ASP A 629 5.15 -7.12 -22.10
CA ASP A 629 6.31 -8.00 -22.06
C ASP A 629 7.15 -7.59 -20.86
N ASN A 630 7.26 -8.47 -19.87
CA ASN A 630 8.11 -8.20 -18.72
C ASN A 630 9.57 -8.45 -18.99
N GLN A 631 9.91 -9.04 -20.13
CA GLN A 631 11.30 -9.29 -20.50
C GLN A 631 11.81 -8.24 -21.48
N SER A 632 11.20 -7.07 -21.51
CA SER A 632 11.55 -6.01 -22.44
C SER A 632 12.14 -4.84 -21.68
N HIS A 633 13.35 -4.43 -22.07
CA HIS A 633 13.96 -3.25 -21.48
C HIS A 633 13.22 -1.98 -21.89
N LYS A 634 12.68 -1.95 -23.10
CA LYS A 634 12.01 -0.76 -23.60
C LYS A 634 10.77 -0.42 -22.79
N GLU A 635 9.97 -1.44 -22.45
CA GLU A 635 8.73 -1.19 -21.73
C GLU A 635 9.00 -0.82 -20.28
N HIS A 636 9.96 -1.49 -19.64
CA HIS A 636 10.33 -1.12 -18.28
C HIS A 636 10.89 0.29 -18.23
N LEU A 637 11.75 0.64 -19.19
CA LEU A 637 12.34 1.97 -19.23
C LEU A 637 11.28 3.04 -19.42
N THR A 638 10.35 2.81 -20.36
CA THR A 638 9.29 3.78 -20.59
C THR A 638 8.43 3.98 -19.34
N GLN A 639 8.08 2.88 -18.67
CA GLN A 639 7.27 2.97 -17.47
C GLN A 639 7.98 3.75 -16.38
N ASN A 640 9.28 3.51 -16.19
CA ASN A 640 10.02 4.16 -15.12
C ASN A 640 10.24 5.64 -15.41
N ILE A 641 10.47 6.00 -16.67
CA ILE A 641 10.61 7.40 -17.04
C ILE A 641 9.30 8.14 -16.82
N VAL A 642 8.18 7.52 -17.19
CA VAL A 642 6.88 8.16 -16.99
C VAL A 642 6.60 8.37 -15.51
N ALA A 643 6.91 7.38 -14.68
CA ALA A 643 6.68 7.52 -13.24
C ALA A 643 7.54 8.62 -12.63
N THR A 644 8.80 8.72 -13.07
CA THR A 644 9.67 9.79 -12.58
C THR A 644 9.13 11.16 -12.97
N ALA A 645 8.68 11.31 -14.22
CA ALA A 645 8.13 12.58 -14.66
C ALA A 645 6.86 12.93 -13.88
N LEU A 646 6.06 11.93 -13.54
CA LEU A 646 4.86 12.18 -12.75
C LEU A 646 5.22 12.68 -11.35
N TRP A 647 6.27 12.15 -10.74
CA TRP A 647 6.66 12.66 -9.42
C TRP A 647 7.19 14.08 -9.51
N VAL A 648 7.90 14.42 -10.58
CA VAL A 648 8.35 15.79 -10.77
C VAL A 648 7.15 16.72 -10.93
N LEU A 649 6.13 16.27 -11.66
CA LEU A 649 4.92 17.07 -11.84
C LEU A 649 4.16 17.26 -10.53
N ILE A 650 4.08 16.21 -9.71
CA ILE A 650 3.42 16.34 -8.41
C ILE A 650 4.15 17.38 -7.56
N ALA A 651 5.48 17.33 -7.55
CA ALA A 651 6.25 18.31 -6.79
C ALA A 651 6.04 19.72 -7.31
N TYR A 652 5.91 19.88 -8.64
CA TYR A 652 5.63 21.19 -9.20
C TYR A 652 4.27 21.71 -8.76
N ILE A 653 3.26 20.84 -8.75
CA ILE A 653 1.93 21.26 -8.29
C ILE A 653 1.98 21.68 -6.83
N LEU A 654 2.68 20.92 -5.99
CA LEU A 654 2.81 21.29 -4.58
C LEU A 654 3.52 22.63 -4.42
N TYR A 655 4.52 22.89 -5.25
CA TYR A 655 5.21 24.17 -5.20
C TYR A 655 4.28 25.32 -5.58
N ARG A 656 3.45 25.12 -6.61
CA ARG A 656 2.54 26.17 -7.05
C ARG A 656 1.54 26.52 -5.96
N LYS A 657 1.02 25.53 -5.25
CA LYS A 657 0.06 25.76 -4.18
C LYS A 657 0.73 26.03 -2.84
N LYS A 658 2.05 26.20 -2.83
CA LYS A 658 2.80 26.56 -1.63
C LYS A 658 2.58 25.57 -0.49
N ILE A 659 2.57 24.29 -0.83
CA ILE A 659 2.50 23.22 0.16
C ILE A 659 3.90 22.64 0.32
N PHE A 660 4.49 22.84 1.49
CA PHE A 660 5.82 22.32 1.80
C PHE A 660 5.77 21.65 3.16
N TRP A 661 6.34 20.45 3.25
CA TRP A 661 6.42 19.70 4.50
C TRP A 661 7.88 19.50 4.86
N LYS A 662 8.23 19.78 6.11
CA LYS A 662 9.56 19.53 6.64
C LYS A 662 9.42 18.77 7.96
N ILE A 663 10.24 17.74 8.13
CA ILE A 663 10.25 16.96 9.37
C ILE A 663 10.71 17.83 10.53
CA ALA B 75 -6.84 -25.60 16.02
C ALA B 75 -7.67 -26.39 15.00
N GLU B 76 -8.45 -27.35 15.48
CA GLU B 76 -9.31 -28.12 14.59
C GLU B 76 -10.53 -27.34 14.11
N LEU B 77 -10.99 -26.34 14.88
CA LEU B 77 -12.18 -25.58 14.56
C LEU B 77 -11.80 -24.15 14.23
N LYS B 78 -12.50 -23.57 13.26
CA LYS B 78 -12.33 -22.16 12.94
C LYS B 78 -13.20 -21.30 13.86
N MET B 79 -13.19 -20.00 13.60
CA MET B 79 -14.06 -19.09 14.33
C MET B 79 -15.51 -19.34 13.96
N ASP B 80 -16.40 -19.18 14.95
CA ASP B 80 -17.84 -19.32 14.75
C ASP B 80 -18.19 -20.71 14.21
N GLN B 81 -17.62 -21.74 14.81
CA GLN B 81 -17.86 -23.11 14.39
C GLN B 81 -17.88 -24.02 15.60
N ALA B 82 -18.74 -25.03 15.54
CA ALA B 82 -18.84 -26.07 16.55
C ALA B 82 -18.49 -27.41 15.92
N LEU B 83 -18.23 -28.39 16.77
CA LEU B 83 -17.93 -29.75 16.33
C LEU B 83 -19.15 -30.63 16.55
N LEU B 84 -19.60 -31.29 15.50
CA LEU B 84 -20.73 -32.20 15.56
C LEU B 84 -20.25 -33.61 15.25
N LEU B 85 -20.54 -34.55 16.15
CA LEU B 85 -20.22 -35.95 15.96
C LEU B 85 -21.51 -36.73 15.79
N ILE B 86 -21.64 -37.44 14.68
CA ILE B 86 -22.83 -38.23 14.40
C ILE B 86 -22.47 -39.70 14.56
N HIS B 87 -23.21 -40.40 15.40
CA HIS B 87 -23.06 -41.84 15.59
C HIS B 87 -24.30 -42.54 15.08
N ASN B 88 -24.14 -43.40 14.08
CA ASN B 88 -25.25 -44.11 13.45
C ASN B 88 -25.32 -45.51 14.03
N GLU B 89 -26.31 -45.77 14.86
CA GLU B 89 -26.51 -47.09 15.41
C GLU B 89 -27.41 -47.96 14.55
N LEU B 90 -28.01 -47.40 13.51
CA LEU B 90 -28.84 -48.20 12.60
C LEU B 90 -27.96 -49.14 11.78
N LEU B 91 -28.48 -50.34 11.54
CA LEU B 91 -27.70 -51.38 10.89
C LEU B 91 -27.87 -51.43 9.38
N TRP B 92 -29.05 -51.04 8.87
CA TRP B 92 -29.37 -51.24 7.46
C TRP B 92 -29.66 -49.94 6.73
N THR B 93 -29.24 -48.80 7.27
CA THR B 93 -29.48 -47.51 6.64
C THR B 93 -28.18 -46.74 6.54
N ASN B 94 -27.98 -46.08 5.40
CA ASN B 94 -26.89 -45.13 5.21
C ASN B 94 -27.47 -43.74 5.35
N LEU B 95 -26.93 -42.95 6.26
CA LEU B 95 -27.44 -41.61 6.51
C LEU B 95 -26.60 -40.57 5.79
N THR B 96 -27.28 -39.61 5.19
CA THR B 96 -26.68 -38.37 4.72
C THR B 96 -27.34 -37.22 5.47
N VAL B 97 -26.52 -36.29 5.96
CA VAL B 97 -26.97 -35.19 6.80
C VAL B 97 -26.85 -33.91 6.00
N TYR B 98 -27.98 -33.23 5.81
CA TYR B 98 -27.97 -31.92 5.18
C TYR B 98 -28.15 -30.82 6.21
N TRP B 99 -27.58 -29.66 5.89
CA TRP B 99 -27.55 -28.53 6.79
C TRP B 99 -28.14 -27.31 6.10
N LYS B 100 -28.82 -26.47 6.90
CA LYS B 100 -29.38 -25.23 6.39
C LYS B 100 -29.43 -24.22 7.53
N SER B 101 -28.97 -23.00 7.25
CA SER B 101 -29.06 -21.91 8.21
C SER B 101 -30.47 -21.37 8.27
N GLU B 102 -30.86 -20.86 9.45
CA GLU B 102 -32.17 -20.22 9.54
C GLU B 102 -32.16 -18.85 8.87
N CYS B 103 -31.00 -18.21 8.79
CA CYS B 103 -30.91 -16.90 8.15
C CYS B 103 -31.08 -17.01 6.63
N CYS B 104 -30.69 -18.13 6.05
CA CYS B 104 -30.76 -18.31 4.60
C CYS B 104 -32.22 -18.55 4.21
N TYR B 105 -32.75 -17.67 3.36
CA TYR B 105 -34.18 -17.61 3.09
C TYR B 105 -34.53 -18.42 1.85
N HIS B 106 -35.41 -19.41 2.02
CA HIS B 106 -35.87 -20.27 0.92
C HIS B 106 -34.70 -20.93 0.21
N CYS B 107 -33.76 -21.45 0.99
CA CYS B 107 -32.51 -21.99 0.45
C CYS B 107 -32.58 -23.50 0.33
N LEU B 108 -31.64 -24.04 -0.44
CA LEU B 108 -31.49 -25.48 -0.57
C LEU B 108 -30.67 -26.04 0.59
N PHE B 109 -31.01 -27.26 1.00
CA PHE B 109 -30.20 -27.99 1.94
C PHE B 109 -28.90 -28.42 1.27
N GLN B 110 -27.78 -28.27 1.98
CA GLN B 110 -26.48 -28.69 1.49
C GLN B 110 -25.98 -29.86 2.33
N VAL B 111 -25.27 -30.79 1.68
CA VAL B 111 -24.76 -31.96 2.36
C VAL B 111 -23.70 -31.55 3.36
N LEU B 112 -23.84 -32.01 4.60
CA LEU B 112 -22.88 -31.72 5.66
C LEU B 112 -21.85 -32.84 5.78
N VAL B 113 -22.31 -34.07 6.00
CA VAL B 113 -21.41 -35.22 6.12
C VAL B 113 -22.21 -36.47 5.79
N ASN B 114 -21.52 -37.46 5.23
CA ASN B 114 -22.11 -38.77 4.96
C ASN B 114 -21.72 -39.72 6.07
N VAL B 115 -22.69 -40.44 6.61
CA VAL B 115 -22.48 -41.32 7.75
C VAL B 115 -22.82 -42.75 7.33
N PRO B 116 -21.86 -43.67 7.32
CA PRO B 116 -22.16 -45.04 6.90
C PRO B 116 -22.92 -45.80 7.97
N GLN B 117 -23.43 -46.97 7.57
CA GLN B 117 -24.20 -47.82 8.46
C GLN B 117 -23.29 -48.48 9.49
N SER B 118 -23.91 -48.92 10.58
CA SER B 118 -23.15 -49.59 11.65
C SER B 118 -22.75 -50.99 11.20
N PRO B 119 -21.46 -51.31 11.16
CA PRO B 119 -21.06 -52.67 10.75
C PRO B 119 -21.59 -53.77 11.65
N LYS B 120 -21.68 -53.51 12.95
CA LYS B 120 -22.17 -54.49 13.91
C LYS B 120 -23.00 -53.78 14.97
N ALA B 121 -23.80 -54.55 15.69
CA ALA B 121 -24.52 -54.02 16.83
C ALA B 121 -23.54 -53.65 17.94
N GLY B 122 -23.78 -52.50 18.57
CA GLY B 122 -22.92 -52.02 19.62
C GLY B 122 -21.66 -51.31 19.17
N LYS B 123 -21.46 -51.15 17.86
CA LYS B 123 -20.32 -50.42 17.32
C LYS B 123 -20.82 -49.38 16.32
N PRO B 124 -21.43 -48.30 16.80
CA PRO B 124 -21.99 -47.30 15.88
C PRO B 124 -20.91 -46.64 15.03
N SER B 125 -21.24 -46.41 13.77
CA SER B 125 -20.33 -45.70 12.88
C SER B 125 -20.31 -44.22 13.23
N ALA B 126 -19.14 -43.61 13.17
CA ALA B 126 -18.96 -42.23 13.62
C ALA B 126 -18.45 -41.36 12.49
N ALA B 127 -19.01 -40.15 12.40
CA ALA B 127 -18.54 -39.13 11.47
C ALA B 127 -18.53 -37.79 12.19
N ALA B 128 -17.70 -36.88 11.71
CA ALA B 128 -17.53 -35.58 12.34
C ALA B 128 -17.69 -34.48 11.30
N ALA B 129 -18.26 -33.36 11.73
CA ALA B 129 -18.46 -32.22 10.85
C ALA B 129 -18.41 -30.94 11.66
N SER B 130 -18.13 -29.84 10.97
CA SER B 130 -18.16 -28.51 11.57
C SER B 130 -19.42 -27.78 11.12
N VAL B 131 -20.17 -27.27 12.09
CA VAL B 131 -21.38 -26.52 11.81
C VAL B 131 -21.15 -25.06 12.16
N SER B 132 -21.77 -24.18 11.40
CA SER B 132 -21.67 -22.74 11.66
C SER B 132 -22.55 -22.37 12.84
N THR B 133 -22.02 -21.52 13.72
CA THR B 133 -22.70 -21.15 14.95
C THR B 133 -23.20 -19.71 14.95
N GLN B 134 -23.10 -19.01 13.83
CA GLN B 134 -23.55 -17.63 13.78
C GLN B 134 -25.06 -17.53 13.98
N HIS B 135 -25.82 -18.41 13.31
CA HIS B 135 -27.27 -18.41 13.38
C HIS B 135 -27.74 -19.81 13.76
N GLY B 136 -29.05 -19.99 13.84
CA GLY B 136 -29.59 -21.30 14.09
C GLY B 136 -29.34 -22.24 12.91
N SER B 137 -29.27 -23.52 13.20
CA SER B 137 -29.03 -24.54 12.19
C SER B 137 -30.25 -25.45 12.08
N ILE B 138 -30.47 -25.96 10.88
CA ILE B 138 -31.49 -26.97 10.61
C ILE B 138 -30.77 -28.16 10.00
N LEU B 139 -30.93 -29.33 10.61
CA LEU B 139 -30.32 -30.56 10.12
C LEU B 139 -31.41 -31.51 9.65
N GLN B 140 -31.18 -32.15 8.51
CA GLN B 140 -32.09 -33.14 7.97
C GLN B 140 -31.30 -34.40 7.66
N LEU B 141 -31.64 -35.48 8.34
CA LEU B 141 -30.95 -36.75 8.16
C LEU B 141 -31.81 -37.64 7.27
N ASN B 142 -31.30 -37.94 6.07
CA ASN B 142 -32.05 -38.65 5.05
C ASN B 142 -31.40 -40.00 4.78
N ASP B 143 -32.22 -41.04 4.73
CA ASP B 143 -31.73 -42.35 4.30
C ASP B 143 -31.25 -42.26 2.86
N THR B 144 -29.97 -42.56 2.64
CA THR B 144 -29.38 -42.34 1.32
C THR B 144 -30.01 -43.23 0.26
N LEU B 145 -30.24 -44.50 0.58
CA LEU B 145 -30.77 -45.43 -0.42
C LEU B 145 -32.20 -45.06 -0.79
N GLU B 146 -33.06 -44.87 0.20
CA GLU B 146 -34.47 -44.61 -0.05
C GLU B 146 -34.80 -43.15 -0.28
N GLU B 147 -33.86 -42.24 -0.03
CA GLU B 147 -34.10 -40.80 -0.13
C GLU B 147 -35.30 -40.40 0.71
N LYS B 148 -35.38 -40.95 1.93
CA LYS B 148 -36.48 -40.75 2.83
C LYS B 148 -35.95 -40.14 4.13
N GLU B 149 -36.76 -39.30 4.75
CA GLU B 149 -36.31 -38.53 5.90
C GLU B 149 -36.41 -39.36 7.18
N VAL B 150 -35.32 -39.40 7.94
CA VAL B 150 -35.27 -40.15 9.18
C VAL B 150 -35.69 -39.25 10.33
N CYS B 151 -34.98 -38.15 10.54
CA CYS B 151 -35.40 -37.17 11.52
C CYS B 151 -34.87 -35.80 11.14
N ARG B 152 -35.49 -34.76 11.71
CA ARG B 152 -35.14 -33.37 11.44
C ARG B 152 -34.91 -32.66 12.77
N LEU B 153 -33.95 -31.75 12.79
CA LEU B 153 -33.47 -31.18 14.04
C LEU B 153 -33.11 -29.72 13.83
N GLU B 154 -33.60 -28.86 14.71
CA GLU B 154 -33.27 -27.44 14.70
C GLU B 154 -32.55 -27.09 15.99
N TYR B 155 -31.39 -26.45 15.86
CA TYR B 155 -30.55 -26.17 17.01
C TYR B 155 -29.62 -25.01 16.72
N ARG B 156 -29.36 -24.21 17.74
CA ARG B 156 -28.33 -23.17 17.68
C ARG B 156 -27.10 -23.69 18.40
N PHE B 157 -26.09 -24.08 17.63
CA PHE B 157 -24.83 -24.52 18.21
C PHE B 157 -24.01 -23.32 18.65
N GLY B 158 -23.18 -23.52 19.67
CA GLY B 158 -22.33 -22.48 20.18
C GLY B 158 -20.90 -22.63 19.68
N GLU B 159 -20.19 -21.51 19.66
CA GLU B 159 -18.84 -21.49 19.13
C GLU B 159 -17.92 -22.40 19.95
N PHE B 160 -17.07 -23.14 19.24
CA PHE B 160 -16.11 -24.07 19.84
C PHE B 160 -16.76 -25.09 20.75
N GLY B 161 -18.05 -25.32 20.58
CA GLY B 161 -18.71 -26.38 21.32
C GLY B 161 -18.41 -27.73 20.73
N ASN B 162 -18.71 -28.77 21.51
CA ASN B 162 -18.48 -30.15 21.11
C ASN B 162 -19.79 -30.89 21.36
N TYR B 163 -20.50 -31.20 20.29
CA TYR B 163 -21.81 -31.84 20.36
C TYR B 163 -21.75 -33.21 19.69
N SER B 164 -22.58 -34.13 20.18
CA SER B 164 -22.71 -35.45 19.60
C SER B 164 -24.17 -35.71 19.30
N LEU B 165 -24.44 -36.28 18.13
CA LEU B 165 -25.78 -36.63 17.70
C LEU B 165 -25.86 -38.13 17.53
N LEU B 166 -26.73 -38.77 18.31
CA LEU B 166 -26.87 -40.22 18.30
C LEU B 166 -28.15 -40.61 17.57
N VAL B 167 -28.02 -41.47 16.56
CA VAL B 167 -29.13 -41.91 15.75
C VAL B 167 -29.31 -43.40 16.00
N LYS B 168 -30.35 -43.77 16.73
CA LYS B 168 -30.63 -45.15 17.05
C LYS B 168 -32.12 -45.41 16.86
N ASN B 169 -32.46 -46.68 16.65
CA ASN B 169 -33.86 -47.09 16.55
C ASN B 169 -34.36 -47.51 17.92
N ILE B 170 -35.48 -46.92 18.34
CA ILE B 170 -36.06 -47.20 19.65
C ILE B 170 -36.87 -48.49 19.57
N HIS B 171 -36.56 -49.44 20.44
CA HIS B 171 -37.19 -50.75 20.43
C HIS B 171 -38.29 -50.89 21.47
N ASN B 172 -38.74 -49.78 22.06
CA ASN B 172 -39.79 -49.81 23.07
C ASN B 172 -41.16 -49.96 22.39
N GLY B 173 -41.36 -51.15 21.83
CA GLY B 173 -42.62 -51.47 21.17
C GLY B 173 -42.82 -50.86 19.82
N VAL B 174 -41.80 -50.19 19.26
CA VAL B 174 -41.90 -49.53 17.96
C VAL B 174 -40.63 -49.85 17.17
N SER B 175 -40.66 -49.47 15.89
CA SER B 175 -39.52 -49.65 14.99
C SER B 175 -39.09 -48.31 14.39
N GLU B 176 -39.39 -47.22 15.07
CA GLU B 176 -39.04 -45.89 14.58
C GLU B 176 -37.56 -45.61 14.84
N ILE B 177 -37.14 -44.39 14.49
CA ILE B 177 -35.79 -43.91 14.74
C ILE B 177 -35.90 -42.61 15.51
N ALA B 178 -35.16 -42.50 16.61
CA ALA B 178 -35.14 -41.30 17.44
C ALA B 178 -33.71 -40.79 17.54
N CYS B 179 -33.46 -39.61 16.99
CA CYS B 179 -32.14 -38.98 17.06
C CYS B 179 -32.19 -37.82 18.04
N ASP B 180 -31.27 -37.83 19.00
CA ASP B 180 -31.21 -36.82 20.05
C ASP B 180 -29.79 -36.30 20.20
N LEU B 181 -29.68 -35.03 20.59
CA LEU B 181 -28.43 -34.29 20.56
C LEU B 181 -27.97 -34.00 21.98
N ALA B 182 -26.70 -34.27 22.26
CA ALA B 182 -26.09 -34.05 23.56
C ALA B 182 -24.88 -33.14 23.41
N VAL B 183 -24.54 -32.46 24.50
CA VAL B 183 -23.45 -31.50 24.53
C VAL B 183 -22.30 -32.12 25.31
N ASN B 184 -21.26 -32.57 24.59
CA ASN B 184 -20.09 -33.11 25.24
C ASN B 184 -19.30 -32.03 25.97
N GLU B 185 -19.05 -30.92 25.31
CA GLU B 185 -18.31 -29.81 25.88
C GLU B 185 -19.08 -28.52 25.63
N ASP B 186 -19.22 -27.69 26.67
CA ASP B 186 -19.96 -26.46 26.54
C ASP B 186 -19.24 -25.49 25.62
N PRO B 187 -19.97 -24.66 24.89
CA PRO B 187 -19.34 -23.65 24.03
C PRO B 187 -18.86 -22.46 24.85
N VAL B 188 -18.36 -21.46 24.14
CA VAL B 188 -17.93 -20.22 24.75
C VAL B 188 -18.97 -19.15 24.45
N ASP B 189 -18.92 -18.07 25.24
CA ASP B 189 -19.76 -16.90 24.99
C ASP B 189 -19.06 -16.04 23.95
N SER B 190 -19.58 -16.03 22.72
CA SER B 190 -18.90 -15.35 21.62
C SER B 190 -19.01 -13.84 21.74
N ASN B 191 -20.11 -13.34 22.30
CA ASN B 191 -20.37 -11.91 22.38
C ASN B 191 -19.87 -11.28 23.65
N LEU B 192 -19.19 -12.03 24.51
CA LEU B 192 -18.64 -11.46 25.73
C LEU B 192 -17.64 -10.35 25.48
N PRO B 193 -16.70 -10.45 24.52
CA PRO B 193 -15.82 -9.30 24.25
C PRO B 193 -16.59 -8.03 23.90
N VAL B 194 -17.68 -8.14 23.14
CA VAL B 194 -18.47 -6.95 22.81
C VAL B 194 -19.08 -6.34 24.05
N SER B 195 -19.64 -7.17 24.93
CA SER B 195 -20.24 -6.67 26.17
C SER B 195 -19.20 -5.98 27.04
N ILE B 196 -18.02 -6.59 27.17
CA ILE B 196 -16.96 -5.99 27.99
C ILE B 196 -16.48 -4.68 27.37
N ALA B 197 -16.35 -4.63 26.04
CA ALA B 197 -15.92 -3.39 25.40
C ALA B 197 -16.93 -2.28 25.62
N PHE B 198 -18.22 -2.58 25.51
CA PHE B 198 -19.24 -1.57 25.78
C PHE B 198 -19.20 -1.10 27.23
N LEU B 199 -19.03 -2.04 28.18
CA LEU B 199 -18.96 -1.63 29.58
C LEU B 199 -17.75 -0.77 29.86
N ILE B 200 -16.59 -1.12 29.27
CA ILE B 200 -15.40 -0.31 29.47
C ILE B 200 -15.58 1.08 28.88
N GLY B 201 -16.16 1.16 27.69
CA GLY B 201 -16.40 2.48 27.09
C GLY B 201 -17.34 3.33 27.91
N LEU B 202 -18.42 2.72 28.41
CA LEU B 202 -19.36 3.46 29.25
C LEU B 202 -18.70 3.91 30.55
N ALA B 203 -17.84 3.06 31.13
CA ALA B 203 -17.12 3.45 32.33
C ALA B 203 -16.20 4.64 32.07
N VAL B 204 -15.51 4.64 30.92
CA VAL B 204 -14.66 5.77 30.57
C VAL B 204 -15.49 7.04 30.42
N ILE B 205 -16.66 6.94 29.77
CA ILE B 205 -17.50 8.12 29.58
C ILE B 205 -17.96 8.66 30.92
N ILE B 206 -18.40 7.78 31.82
CA ILE B 206 -18.88 8.24 33.13
C ILE B 206 -17.75 8.88 33.93
N VAL B 207 -16.57 8.26 33.92
CA VAL B 207 -15.43 8.80 34.65
C VAL B 207 -15.07 10.19 34.14
N ILE B 208 -14.98 10.34 32.82
CA ILE B 208 -14.61 11.64 32.27
C ILE B 208 -15.67 12.69 32.59
N SER B 209 -16.96 12.34 32.44
CA SER B 209 -18.01 13.30 32.71
C SER B 209 -17.98 13.79 34.16
N PHE B 210 -17.92 12.86 35.11
CA PHE B 210 -17.92 13.25 36.52
C PHE B 210 -16.63 14.01 36.87
N LEU B 211 -15.48 13.56 36.38
CA LEU B 211 -14.24 14.23 36.72
C LEU B 211 -14.21 15.66 36.20
N ARG B 212 -14.68 15.89 34.97
CA ARG B 212 -14.71 17.25 34.46
C ARG B 212 -15.83 18.06 35.10
N LEU B 213 -16.89 17.39 35.59
CA LEU B 213 -17.94 18.12 36.27
C LEU B 213 -17.49 18.64 37.63
N LEU B 214 -16.63 17.89 38.33
CA LEU B 214 -16.12 18.37 39.61
C LEU B 214 -15.14 19.53 39.45
N LEU B 215 -14.71 19.83 38.23
CA LEU B 215 -13.79 20.94 38.01
C LEU B 215 -14.51 22.14 37.39
N PRO B 265 -21.53 32.33 6.84
CA PRO B 265 -22.08 31.70 8.04
C PRO B 265 -21.09 30.71 8.66
N PRO B 266 -21.24 30.42 9.94
CA PRO B 266 -20.36 29.45 10.59
C PRO B 266 -20.74 28.02 10.20
N ARG B 267 -20.04 27.08 10.79
CA ARG B 267 -20.21 25.66 10.50
C ARG B 267 -21.16 25.05 11.52
N LEU B 268 -22.13 24.27 11.04
CA LEU B 268 -23.04 23.57 11.94
C LEU B 268 -22.32 22.41 12.61
N ARG B 269 -22.25 22.43 13.94
CA ARG B 269 -21.48 21.43 14.66
C ARG B 269 -22.19 20.08 14.69
N SER B 270 -23.52 20.07 14.59
CA SER B 270 -24.26 18.81 14.61
C SER B 270 -24.04 18.01 13.34
N VAL B 271 -23.91 18.67 12.19
CA VAL B 271 -23.63 17.95 10.95
C VAL B 271 -22.22 17.36 10.98
N ASP B 272 -21.26 18.08 11.57
CA ASP B 272 -19.91 17.54 11.73
C ASP B 272 -19.90 16.36 12.70
N THR B 273 -20.69 16.45 13.78
CA THR B 273 -20.79 15.34 14.72
C THR B 273 -21.40 14.11 14.05
N PHE B 274 -22.44 14.31 13.25
CA PHE B 274 -23.07 13.21 12.53
C PHE B 274 -22.10 12.57 11.54
N ARG B 275 -21.36 13.39 10.79
CA ARG B 275 -20.37 12.85 9.86
C ARG B 275 -19.26 12.10 10.58
N GLY B 276 -18.85 12.60 11.75
CA GLY B 276 -17.82 11.92 12.53
C GLY B 276 -18.28 10.59 13.10
N ILE B 277 -19.53 10.52 13.54
CA ILE B 277 -20.10 9.25 13.99
C ILE B 277 -20.08 8.24 12.86
N ALA B 278 -20.53 8.66 11.67
CA ALA B 278 -20.51 7.77 10.52
C ALA B 278 -19.10 7.33 10.17
N LEU B 279 -18.13 8.23 10.27
CA LEU B 279 -16.74 7.88 9.95
C LEU B 279 -16.16 6.89 10.94
N ILE B 280 -16.46 7.06 12.23
CA ILE B 280 -15.95 6.14 13.24
C ILE B 280 -16.53 4.74 13.03
N LEU B 281 -17.83 4.66 12.75
CA LEU B 281 -18.45 3.38 12.43
C LEU B 281 -17.86 2.77 11.17
N MET B 282 -17.62 3.59 10.15
CA MET B 282 -17.07 3.10 8.90
C MET B 282 -15.67 2.51 9.09
N VAL B 283 -14.82 3.19 9.85
CA VAL B 283 -13.49 2.68 10.08
C VAL B 283 -13.54 1.38 10.88
N PHE B 284 -14.44 1.31 11.87
CA PHE B 284 -14.53 0.10 12.68
C PHE B 284 -14.98 -1.11 11.85
N VAL B 285 -16.00 -0.94 11.01
CA VAL B 285 -16.53 -2.10 10.31
C VAL B 285 -15.68 -2.44 9.09
N ASN B 286 -15.03 -1.46 8.46
CA ASN B 286 -14.19 -1.75 7.31
C ASN B 286 -12.93 -2.49 7.71
N TYR B 287 -12.41 -2.22 8.90
CA TYR B 287 -11.20 -2.87 9.37
C TYR B 287 -11.46 -4.28 9.88
N GLY B 288 -12.72 -4.70 9.93
CA GLY B 288 -13.06 -6.06 10.30
C GLY B 288 -14.28 -6.17 11.19
N GLY B 289 -14.51 -5.17 12.03
CA GLY B 289 -15.65 -5.19 12.91
C GLY B 289 -15.60 -6.26 13.98
N GLY B 290 -14.41 -6.71 14.37
CA GLY B 290 -14.28 -7.79 15.31
C GLY B 290 -14.56 -9.17 14.75
N LYS B 291 -14.83 -9.25 13.44
CA LYS B 291 -15.24 -10.47 12.75
C LYS B 291 -16.59 -10.98 13.20
N TYR B 292 -17.44 -10.11 13.73
CA TYR B 292 -18.80 -10.46 14.12
C TYR B 292 -19.75 -10.26 12.95
N TRP B 293 -20.76 -11.13 12.87
CA TRP B 293 -21.64 -11.10 11.71
C TRP B 293 -22.51 -9.85 11.70
N TYR B 294 -22.80 -9.27 12.86
CA TYR B 294 -23.65 -8.09 12.94
C TYR B 294 -22.85 -6.80 12.77
N PHE B 295 -21.53 -6.87 12.72
CA PHE B 295 -20.70 -5.74 12.34
C PHE B 295 -20.21 -5.90 10.91
N LYS B 296 -21.00 -6.58 10.09
CA LYS B 296 -20.64 -6.97 8.74
C LYS B 296 -21.88 -6.80 7.87
N HIS B 297 -21.68 -6.68 6.57
CA HIS B 297 -22.81 -6.45 5.68
C HIS B 297 -23.75 -7.65 5.67
N ALA B 298 -25.05 -7.37 5.62
CA ALA B 298 -26.03 -8.43 5.48
C ALA B 298 -25.84 -9.15 4.15
N SER B 299 -26.16 -10.44 4.13
CA SER B 299 -25.96 -11.22 2.92
C SER B 299 -26.81 -10.67 1.78
N TRP B 300 -28.13 -10.76 1.88
CA TRP B 300 -28.97 -10.08 0.91
C TRP B 300 -29.89 -9.03 1.53
N ASN B 301 -30.79 -9.42 2.42
CA ASN B 301 -31.82 -8.52 2.92
C ASN B 301 -31.59 -8.22 4.39
N GLY B 302 -32.18 -7.12 4.83
CA GLY B 302 -32.09 -6.71 6.22
C GLY B 302 -30.98 -5.70 6.45
N LEU B 303 -30.77 -5.41 7.73
CA LEU B 303 -29.81 -4.41 8.17
C LEU B 303 -28.89 -5.00 9.23
N THR B 304 -27.61 -4.69 9.11
CA THR B 304 -26.67 -4.77 10.22
C THR B 304 -26.12 -3.37 10.48
N VAL B 305 -25.16 -3.29 11.41
CA VAL B 305 -24.54 -2.00 11.70
C VAL B 305 -23.71 -1.52 10.50
N ALA B 306 -23.13 -2.44 9.75
CA ALA B 306 -22.30 -2.07 8.61
C ALA B 306 -23.11 -1.41 7.49
N ASP B 307 -24.42 -1.62 7.45
CA ASP B 307 -25.26 -1.13 6.36
C ASP B 307 -25.81 0.26 6.59
N LEU B 308 -25.41 0.94 7.67
CA LEU B 308 -25.99 2.22 8.02
C LEU B 308 -25.20 3.42 7.51
N VAL B 309 -23.89 3.30 7.34
CA VAL B 309 -23.06 4.50 7.29
C VAL B 309 -23.03 5.10 5.88
N PHE B 310 -23.06 4.28 4.84
CA PHE B 310 -23.01 4.83 3.48
C PHE B 310 -24.22 5.68 3.13
N PRO B 311 -25.47 5.26 3.40
CA PRO B 311 -26.60 6.17 3.17
C PRO B 311 -26.50 7.44 4.00
N TRP B 312 -25.94 7.37 5.21
CA TRP B 312 -25.81 8.55 6.03
C TRP B 312 -24.80 9.52 5.44
N PHE B 313 -23.73 9.01 4.82
CA PHE B 313 -22.80 9.87 4.12
C PHE B 313 -23.47 10.57 2.94
N VAL B 314 -24.32 9.85 2.19
CA VAL B 314 -25.04 10.46 1.08
C VAL B 314 -25.99 11.55 1.58
N PHE B 315 -26.70 11.27 2.67
CA PHE B 315 -27.63 12.24 3.26
C PHE B 315 -26.90 13.51 3.71
N ILE B 316 -25.80 13.33 4.44
CA ILE B 316 -25.02 14.47 4.93
C ILE B 316 -24.43 15.26 3.76
N MET B 317 -24.02 14.57 2.70
CA MET B 317 -23.48 15.25 1.53
C MET B 317 -24.54 16.13 0.87
N GLY B 318 -25.78 15.66 0.79
CA GLY B 318 -26.84 16.50 0.27
C GLY B 318 -27.10 17.73 1.13
N SER B 319 -27.11 17.55 2.45
CA SER B 319 -27.27 18.69 3.35
C SER B 319 -26.17 19.72 3.13
N SER B 320 -24.92 19.25 3.02
CA SER B 320 -23.80 20.14 2.79
C SER B 320 -23.88 20.81 1.43
N ILE B 321 -24.44 20.13 0.43
CA ILE B 321 -24.65 20.76 -0.88
C ILE B 321 -25.50 22.00 -0.71
N PHE B 322 -26.64 21.88 -0.03
CA PHE B 322 -27.49 23.05 0.12
C PHE B 322 -26.82 24.14 0.95
N LEU B 323 -26.18 23.77 2.06
CA LEU B 323 -25.58 24.77 2.92
C LEU B 323 -24.51 25.57 2.18
N SER B 324 -23.55 24.86 1.57
CA SER B 324 -22.46 25.56 0.89
C SER B 324 -22.96 26.35 -0.31
N MET B 325 -23.87 25.78 -1.11
CA MET B 325 -24.34 26.49 -2.29
C MET B 325 -25.08 27.76 -1.92
N THR B 326 -25.92 27.71 -0.88
CA THR B 326 -26.62 28.90 -0.45
C THR B 326 -25.65 29.96 0.04
N SER B 327 -24.65 29.56 0.82
CA SER B 327 -23.65 30.51 1.30
C SER B 327 -22.90 31.15 0.14
N ILE B 328 -22.51 30.35 -0.85
CA ILE B 328 -21.73 30.87 -1.98
C ILE B 328 -22.57 31.82 -2.82
N LEU B 329 -23.84 31.47 -3.07
CA LEU B 329 -24.65 32.29 -3.95
C LEU B 329 -25.09 33.58 -3.29
N GLN B 330 -25.21 33.61 -1.96
CA GLN B 330 -25.58 34.87 -1.31
C GLN B 330 -24.41 35.86 -1.30
N ARG B 331 -23.19 35.39 -1.48
CA ARG B 331 -22.03 36.26 -1.51
C ARG B 331 -21.75 36.81 -2.91
N GLY B 332 -22.55 36.46 -3.90
CA GLY B 332 -22.46 37.05 -5.22
C GLY B 332 -21.69 36.26 -6.25
N CYS B 333 -21.25 35.05 -5.94
CA CYS B 333 -20.57 34.22 -6.93
C CYS B 333 -21.52 33.85 -8.06
N SER B 334 -20.95 33.73 -9.27
CA SER B 334 -21.75 33.41 -10.44
C SER B 334 -22.07 31.91 -10.48
N LYS B 335 -23.09 31.57 -11.26
CA LYS B 335 -23.52 30.19 -11.36
C LYS B 335 -22.57 29.35 -12.22
N PHE B 336 -21.87 29.98 -13.17
CA PHE B 336 -20.96 29.22 -14.04
C PHE B 336 -19.67 28.86 -13.32
N ARG B 337 -19.15 29.75 -12.48
CA ARG B 337 -18.01 29.41 -11.65
C ARG B 337 -18.37 28.28 -10.69
N LEU B 338 -19.58 28.31 -10.14
CA LEU B 338 -20.02 27.25 -9.24
C LEU B 338 -20.20 25.94 -9.99
N LEU B 339 -20.69 26.01 -11.24
CA LEU B 339 -20.78 24.82 -12.07
C LEU B 339 -19.42 24.20 -12.32
N GLY B 340 -18.41 25.03 -12.57
CA GLY B 340 -17.05 24.52 -12.72
C GLY B 340 -16.54 23.87 -11.45
N LYS B 341 -16.86 24.45 -10.31
CA LYS B 341 -16.49 23.84 -9.03
C LYS B 341 -17.12 22.47 -8.85
N ILE B 342 -18.41 22.35 -9.19
CA ILE B 342 -19.12 21.08 -9.06
C ILE B 342 -18.50 20.04 -9.97
N ALA B 343 -18.24 20.40 -11.22
CA ALA B 343 -17.68 19.45 -12.17
C ALA B 343 -16.29 18.99 -11.77
N TRP B 344 -15.46 19.92 -11.28
CA TRP B 344 -14.12 19.55 -10.83
C TRP B 344 -14.17 18.58 -9.66
N ARG B 345 -15.03 18.85 -8.67
CA ARG B 345 -15.10 18.00 -7.50
C ARG B 345 -15.63 16.61 -7.85
N SER B 346 -16.64 16.54 -8.74
CA SER B 346 -17.17 15.24 -9.15
C SER B 346 -16.10 14.42 -9.89
N PHE B 347 -15.37 15.07 -10.79
CA PHE B 347 -14.31 14.38 -11.53
C PHE B 347 -13.25 13.83 -10.58
N LEU B 348 -12.85 14.63 -9.59
CA LEU B 348 -11.84 14.16 -8.63
C LEU B 348 -12.34 12.98 -7.83
N LEU B 349 -13.60 13.03 -7.38
CA LEU B 349 -14.15 11.92 -6.60
C LEU B 349 -14.14 10.62 -7.39
N ILE B 350 -14.60 10.68 -8.65
CA ILE B 350 -14.67 9.46 -9.47
C ILE B 350 -13.28 8.91 -9.74
N CYS B 351 -12.33 9.79 -10.08
CA CYS B 351 -10.97 9.34 -10.39
C CYS B 351 -10.28 8.75 -9.17
N ILE B 352 -10.40 9.39 -8.01
CA ILE B 352 -9.81 8.84 -6.79
C ILE B 352 -10.42 7.49 -6.45
N GLY B 353 -11.73 7.34 -6.67
CA GLY B 353 -12.35 6.06 -6.43
C GLY B 353 -11.81 4.97 -7.33
N ILE B 354 -11.69 5.25 -8.63
CA ILE B 354 -11.29 4.22 -9.58
C ILE B 354 -9.82 3.85 -9.41
N ILE B 355 -8.96 4.82 -9.19
CA ILE B 355 -7.51 4.61 -9.32
C ILE B 355 -6.86 4.28 -7.98
N ILE B 356 -7.38 4.82 -6.89
CA ILE B 356 -6.73 4.71 -5.59
C ILE B 356 -7.45 3.71 -4.69
N VAL B 357 -8.77 3.80 -4.60
CA VAL B 357 -9.52 3.05 -3.60
C VAL B 357 -9.89 1.65 -4.10
N ASN B 358 -10.43 1.54 -5.31
CA ASN B 358 -10.91 0.25 -5.80
C ASN B 358 -9.82 -0.80 -5.93
N PRO B 359 -8.69 -0.56 -6.60
CA PRO B 359 -7.77 -1.66 -6.89
C PRO B 359 -7.09 -2.20 -5.65
N ASN B 360 -6.76 -3.49 -5.71
CA ASN B 360 -5.94 -4.14 -4.70
C ASN B 360 -4.55 -4.28 -5.30
N TYR B 361 -3.66 -3.36 -4.96
CA TYR B 361 -2.33 -3.33 -5.54
C TYR B 361 -1.36 -4.30 -4.88
N CYS B 362 -1.81 -5.02 -3.85
CA CYS B 362 -1.02 -6.10 -3.30
C CYS B 362 -0.99 -7.31 -4.22
N LEU B 363 -1.93 -7.41 -5.15
CA LEU B 363 -2.03 -8.55 -6.05
C LEU B 363 -1.26 -8.36 -7.35
N GLY B 364 -0.91 -7.14 -7.72
CA GLY B 364 -0.15 -6.89 -8.92
C GLY B 364 -0.50 -5.59 -9.58
N PRO B 365 0.26 -5.23 -10.62
CA PRO B 365 0.01 -3.96 -11.31
C PRO B 365 -1.34 -3.94 -12.01
N LEU B 366 -1.87 -2.74 -12.18
CA LEU B 366 -3.22 -2.58 -12.70
C LEU B 366 -3.31 -3.02 -14.14
N SER B 367 -4.29 -3.87 -14.43
CA SER B 367 -4.61 -4.31 -15.78
C SER B 367 -6.04 -3.87 -16.08
N TRP B 368 -6.27 -3.37 -17.29
CA TRP B 368 -7.57 -2.80 -17.61
C TRP B 368 -8.68 -3.83 -17.57
N ASP B 369 -8.41 -5.05 -18.03
CA ASP B 369 -9.47 -6.04 -18.16
C ASP B 369 -10.07 -6.44 -16.82
N LYS B 370 -9.41 -6.14 -15.70
CA LYS B 370 -9.94 -6.44 -14.38
C LYS B 370 -9.96 -5.17 -13.52
N VAL B 371 -10.34 -4.05 -14.11
CA VAL B 371 -10.51 -2.80 -13.38
C VAL B 371 -11.99 -2.67 -13.02
N ARG B 372 -12.28 -2.54 -11.73
CA ARG B 372 -13.65 -2.31 -11.27
C ARG B 372 -13.99 -0.83 -11.47
N ILE B 373 -15.02 -0.57 -12.26
CA ILE B 373 -15.42 0.79 -12.59
C ILE B 373 -16.31 1.41 -11.51
N PRO B 374 -17.30 0.71 -10.95
CA PRO B 374 -18.12 1.31 -9.89
C PRO B 374 -17.43 1.25 -8.53
N GLY B 375 -18.03 1.95 -7.57
CA GLY B 375 -17.46 2.03 -6.25
C GLY B 375 -18.14 3.12 -5.43
N VAL B 376 -17.57 3.36 -4.24
CA VAL B 376 -18.17 4.28 -3.29
C VAL B 376 -18.00 5.72 -3.74
N LEU B 377 -16.77 6.13 -4.05
CA LEU B 377 -16.53 7.51 -4.43
C LEU B 377 -17.07 7.81 -5.82
N GLN B 378 -17.17 6.81 -6.68
CA GLN B 378 -17.85 6.98 -7.96
C GLN B 378 -19.33 7.28 -7.76
N ARG B 379 -19.97 6.56 -6.83
CA ARG B 379 -21.36 6.84 -6.50
C ARG B 379 -21.52 8.24 -5.93
N LEU B 380 -20.64 8.62 -5.01
CA LEU B 380 -20.70 9.96 -4.44
C LEU B 380 -20.48 11.03 -5.50
N GLY B 381 -19.55 10.80 -6.42
CA GLY B 381 -19.29 11.79 -7.46
C GLY B 381 -20.47 11.98 -8.41
N VAL B 382 -21.08 10.89 -8.85
CA VAL B 382 -22.22 11.01 -9.76
C VAL B 382 -23.43 11.60 -9.03
N THR B 383 -23.68 11.14 -7.81
CA THR B 383 -24.80 11.68 -7.04
C THR B 383 -24.60 13.15 -6.73
N TYR B 384 -23.37 13.54 -6.35
CA TYR B 384 -23.07 14.93 -6.08
C TYR B 384 -23.29 15.79 -7.32
N PHE B 385 -22.81 15.32 -8.48
CA PHE B 385 -23.00 16.10 -9.70
C PHE B 385 -24.47 16.32 -9.98
N VAL B 386 -25.26 15.26 -9.95
CA VAL B 386 -26.67 15.38 -10.33
C VAL B 386 -27.42 16.27 -9.34
N VAL B 387 -27.23 16.05 -8.04
CA VAL B 387 -28.00 16.81 -7.05
C VAL B 387 -27.52 18.25 -6.99
N ALA B 388 -26.22 18.49 -7.07
CA ALA B 388 -25.70 19.85 -7.02
C ALA B 388 -26.10 20.66 -8.24
N VAL B 389 -26.06 20.06 -9.43
CA VAL B 389 -26.50 20.77 -10.62
C VAL B 389 -28.01 21.01 -10.59
N LEU B 390 -28.76 20.07 -10.04
CA LEU B 390 -30.21 20.25 -9.92
C LEU B 390 -30.55 21.41 -8.98
N GLU B 391 -29.83 21.52 -7.86
CA GLU B 391 -30.03 22.67 -6.98
C GLU B 391 -29.53 23.96 -7.60
N LEU B 392 -28.46 23.90 -8.38
CA LEU B 392 -27.93 25.10 -9.02
C LEU B 392 -28.93 25.68 -10.02
N LEU B 393 -29.58 24.82 -10.79
CA LEU B 393 -30.53 25.31 -11.80
C LEU B 393 -31.66 26.10 -11.16
N PHE B 394 -32.30 25.53 -10.14
CA PHE B 394 -33.49 26.13 -9.53
C PHE B 394 -33.17 26.76 -8.18
N ALA B 395 -31.97 27.30 -8.02
CA ALA B 395 -31.58 27.93 -6.77
C ALA B 395 -32.36 29.22 -6.58
N LYS B 396 -32.93 29.38 -5.40
CA LYS B 396 -33.66 30.58 -5.02
C LYS B 396 -33.17 31.08 -3.67
N PRO B 397 -33.22 32.38 -3.43
CA PRO B 397 -32.79 32.90 -2.13
C PRO B 397 -33.67 32.41 -0.99
N VAL B 398 -33.07 32.30 0.19
CA VAL B 398 -33.79 31.92 1.40
C VAL B 398 -34.55 33.14 1.92
N PRO B 399 -35.86 33.07 2.06
CA PRO B 399 -36.62 34.21 2.57
C PRO B 399 -36.56 34.26 4.09
N GLU B 400 -37.26 35.22 4.66
CA GLU B 400 -37.31 35.35 6.13
C GLU B 400 -38.75 35.56 6.60
N CYS B 408 -44.55 29.01 10.91
CA CYS B 408 -45.17 28.00 11.78
C CYS B 408 -45.97 27.00 10.95
N LEU B 409 -46.80 27.51 10.05
CA LEU B 409 -47.61 26.68 9.17
C LEU B 409 -47.10 26.72 7.73
N SER B 410 -45.94 27.32 7.50
CA SER B 410 -45.45 27.51 6.14
C SER B 410 -44.93 26.21 5.55
N LEU B 411 -45.10 26.07 4.23
CA LEU B 411 -44.57 24.95 3.48
C LEU B 411 -43.59 25.41 2.42
N ARG B 412 -42.96 26.58 2.60
CA ARG B 412 -42.19 27.17 1.52
C ARG B 412 -40.88 26.45 1.25
N ASP B 413 -40.38 25.64 2.18
CA ASP B 413 -39.19 24.87 1.89
C ASP B 413 -39.48 23.73 0.93
N ILE B 414 -40.72 23.28 0.89
CA ILE B 414 -41.14 22.24 -0.05
C ILE B 414 -41.76 22.85 -1.30
N THR B 415 -42.56 23.90 -1.13
CA THR B 415 -43.27 24.49 -2.26
C THR B 415 -42.31 25.20 -3.22
N SER B 416 -41.28 25.85 -2.69
CA SER B 416 -40.39 26.63 -3.54
C SER B 416 -39.48 25.77 -4.40
N SER B 417 -39.44 24.46 -4.19
CA SER B 417 -38.58 23.56 -4.94
C SER B 417 -39.38 22.43 -5.54
N TRP B 418 -40.51 22.76 -6.14
CA TRP B 418 -41.36 21.76 -6.79
C TRP B 418 -40.77 21.19 -8.08
N PRO B 419 -39.95 21.93 -8.85
CA PRO B 419 -39.28 21.27 -9.99
C PRO B 419 -38.33 20.15 -9.57
N GLN B 420 -37.57 20.36 -8.49
CA GLN B 420 -36.74 19.29 -7.96
C GLN B 420 -37.57 18.07 -7.57
N TRP B 421 -38.68 18.30 -6.87
CA TRP B 421 -39.52 17.17 -6.43
C TRP B 421 -40.12 16.44 -7.62
N LEU B 422 -40.53 17.18 -8.65
CA LEU B 422 -41.09 16.53 -9.84
C LEU B 422 -40.05 15.63 -10.50
N LEU B 423 -38.82 16.13 -10.66
CA LEU B 423 -37.80 15.31 -11.28
C LEU B 423 -37.38 14.13 -10.41
N ILE B 424 -37.39 14.30 -9.09
CA ILE B 424 -37.06 13.19 -8.20
C ILE B 424 -38.13 12.09 -8.28
N LEU B 425 -39.40 12.47 -8.34
CA LEU B 425 -40.43 11.46 -8.47
C LEU B 425 -40.39 10.77 -9.83
N VAL B 426 -39.99 11.48 -10.88
CA VAL B 426 -39.82 10.82 -12.18
C VAL B 426 -38.66 9.82 -12.12
N LEU B 427 -37.57 10.19 -11.46
CA LEU B 427 -36.45 9.24 -11.30
C LEU B 427 -36.87 8.01 -10.51
N GLU B 428 -37.63 8.21 -9.44
CA GLU B 428 -38.07 7.07 -8.64
C GLU B 428 -39.03 6.19 -9.42
N GLY B 429 -39.90 6.78 -10.24
CA GLY B 429 -40.73 5.99 -11.12
C GLY B 429 -39.92 5.16 -12.09
N LEU B 430 -38.83 5.74 -12.61
CA LEU B 430 -37.94 4.99 -13.49
C LEU B 430 -37.30 3.81 -12.77
N TRP B 431 -36.85 4.02 -11.53
CA TRP B 431 -36.24 2.93 -10.78
C TRP B 431 -37.24 1.80 -10.54
N LEU B 432 -38.46 2.14 -10.13
CA LEU B 432 -39.48 1.12 -9.90
C LEU B 432 -39.84 0.40 -11.18
N GLY B 433 -39.95 1.12 -12.29
CA GLY B 433 -40.28 0.48 -13.56
C GLY B 433 -39.21 -0.47 -14.04
N LEU B 434 -37.95 -0.06 -13.98
CA LEU B 434 -36.87 -0.94 -14.40
C LEU B 434 -36.68 -2.12 -13.46
N THR B 435 -36.98 -1.93 -12.17
CA THR B 435 -36.81 -3.01 -11.21
C THR B 435 -37.91 -4.06 -11.32
N PHE B 436 -39.15 -3.64 -11.55
CA PHE B 436 -40.26 -4.56 -11.49
C PHE B 436 -40.82 -4.96 -12.86
N LEU B 437 -40.42 -4.30 -13.93
CA LEU B 437 -41.02 -4.55 -15.24
C LEU B 437 -40.03 -4.80 -16.36
N LEU B 438 -38.75 -4.53 -16.18
CA LEU B 438 -37.77 -4.80 -17.23
C LEU B 438 -37.57 -6.30 -17.36
N PRO B 439 -37.76 -6.89 -18.54
CA PRO B 439 -37.51 -8.33 -18.70
C PRO B 439 -36.03 -8.65 -18.77
N VAL B 440 -35.59 -9.61 -17.98
CA VAL B 440 -34.20 -10.05 -17.92
C VAL B 440 -34.13 -11.43 -18.58
N PRO B 441 -33.23 -11.63 -19.54
CA PRO B 441 -33.25 -12.88 -20.30
C PRO B 441 -32.97 -14.09 -19.43
N GLY B 442 -33.82 -15.11 -19.58
CA GLY B 442 -33.67 -16.34 -18.82
C GLY B 442 -33.73 -16.14 -17.32
N CYS B 443 -34.61 -15.25 -16.86
CA CYS B 443 -34.64 -14.89 -15.45
C CYS B 443 -35.95 -14.17 -15.19
N PRO B 444 -36.58 -14.37 -14.03
CA PRO B 444 -37.91 -13.80 -13.81
C PRO B 444 -37.91 -12.29 -13.86
N THR B 445 -39.05 -11.73 -14.25
CA THR B 445 -39.23 -10.28 -14.24
C THR B 445 -39.63 -9.84 -12.85
N GLY B 446 -38.96 -8.80 -12.35
CA GLY B 446 -39.19 -8.34 -11.01
C GLY B 446 -38.45 -9.11 -9.95
N TYR B 447 -37.44 -9.87 -10.32
CA TYR B 447 -36.72 -10.70 -9.36
C TYR B 447 -35.90 -9.82 -8.42
N LEU B 448 -36.06 -10.06 -7.12
CA LEU B 448 -35.38 -9.28 -6.10
C LEU B 448 -34.50 -10.12 -5.19
N GLY B 449 -34.26 -11.39 -5.54
CA GLY B 449 -33.52 -12.28 -4.69
C GLY B 449 -32.05 -12.40 -5.07
N PRO B 450 -31.31 -13.22 -4.33
CA PRO B 450 -29.87 -13.32 -4.53
C PRO B 450 -29.39 -14.35 -5.54
N GLY B 451 -30.26 -15.23 -6.03
CA GLY B 451 -29.74 -16.32 -6.82
C GLY B 451 -29.01 -17.32 -5.94
N GLY B 452 -28.03 -18.00 -6.54
CA GLY B 452 -27.30 -19.02 -5.80
C GLY B 452 -28.21 -20.14 -5.39
N ILE B 453 -28.10 -20.56 -4.12
CA ILE B 453 -29.00 -21.56 -3.57
C ILE B 453 -30.27 -20.96 -3.02
N GLY B 454 -30.39 -19.63 -3.02
CA GLY B 454 -31.60 -18.99 -2.55
C GLY B 454 -32.76 -19.17 -3.49
N ASP B 455 -33.97 -19.04 -2.93
CA ASP B 455 -35.21 -19.28 -3.66
C ASP B 455 -35.24 -20.69 -4.24
N PHE B 456 -34.75 -21.65 -3.46
CA PHE B 456 -34.70 -23.07 -3.81
C PHE B 456 -33.88 -23.33 -5.05
N GLY B 457 -32.86 -22.51 -5.29
CA GLY B 457 -31.92 -22.77 -6.36
C GLY B 457 -32.49 -22.71 -7.75
N LYS B 458 -33.67 -22.12 -7.93
CA LYS B 458 -34.30 -22.07 -9.24
C LYS B 458 -33.67 -21.05 -10.17
N TYR B 459 -32.99 -20.04 -9.62
CA TYR B 459 -32.41 -18.95 -10.41
C TYR B 459 -30.96 -18.72 -9.99
N PRO B 460 -30.08 -19.71 -10.20
CA PRO B 460 -28.73 -19.61 -9.64
C PRO B 460 -27.93 -18.41 -10.12
N ASN B 461 -28.14 -17.98 -11.36
CA ASN B 461 -27.31 -16.96 -11.97
C ASN B 461 -27.98 -15.59 -12.01
N CYS B 462 -29.03 -15.39 -11.21
CA CYS B 462 -29.88 -14.21 -11.27
C CYS B 462 -29.64 -13.23 -10.12
N THR B 463 -28.42 -13.19 -9.60
CA THR B 463 -28.12 -12.28 -8.50
C THR B 463 -28.32 -10.84 -8.96
N GLY B 464 -29.25 -10.14 -8.32
CA GLY B 464 -29.50 -8.74 -8.56
C GLY B 464 -30.74 -8.43 -9.37
N GLY B 465 -31.21 -9.37 -10.19
CA GLY B 465 -32.37 -9.09 -11.01
C GLY B 465 -31.99 -8.18 -12.16
N ALA B 466 -32.76 -7.09 -12.34
CA ALA B 466 -32.49 -6.16 -13.42
C ALA B 466 -31.28 -5.27 -13.14
N ALA B 467 -30.98 -5.02 -11.87
CA ALA B 467 -29.80 -4.22 -11.54
C ALA B 467 -28.52 -4.92 -11.97
N GLY B 468 -28.39 -6.19 -11.61
CA GLY B 468 -27.23 -6.95 -12.03
C GLY B 468 -27.18 -7.14 -13.52
N TYR B 469 -28.34 -7.31 -14.15
CA TYR B 469 -28.40 -7.44 -15.61
C TYR B 469 -27.90 -6.18 -16.30
N ILE B 470 -28.31 -5.01 -15.82
CA ILE B 470 -27.85 -3.76 -16.42
C ILE B 470 -26.35 -3.58 -16.21
N ASP B 471 -25.85 -3.90 -15.01
CA ASP B 471 -24.42 -3.79 -14.77
C ASP B 471 -23.62 -4.71 -15.69
N ARG B 472 -24.06 -5.96 -15.84
CA ARG B 472 -23.33 -6.89 -16.68
C ARG B 472 -23.46 -6.53 -18.16
N LEU B 473 -24.58 -5.93 -18.55
CA LEU B 473 -24.78 -5.58 -19.95
C LEU B 473 -23.97 -4.35 -20.35
N LEU B 474 -23.88 -3.35 -19.47
CA LEU B 474 -23.22 -2.11 -19.85
C LEU B 474 -21.74 -2.08 -19.48
N LEU B 475 -21.34 -2.79 -18.43
CA LEU B 475 -19.95 -2.79 -18.00
C LEU B 475 -19.25 -4.12 -18.20
N GLY B 476 -19.97 -5.22 -18.14
CA GLY B 476 -19.34 -6.53 -18.20
C GLY B 476 -18.95 -7.03 -16.83
N ASP B 477 -18.93 -8.36 -16.70
CA ASP B 477 -18.70 -8.99 -15.40
C ASP B 477 -17.33 -8.67 -14.85
N ASP B 478 -16.34 -8.43 -15.71
CA ASP B 478 -14.97 -8.24 -15.26
C ASP B 478 -14.74 -6.87 -14.63
N HIS B 479 -15.64 -5.92 -14.87
CA HIS B 479 -15.53 -4.58 -14.31
C HIS B 479 -16.48 -4.36 -13.14
N LEU B 480 -17.00 -5.43 -12.57
CA LEU B 480 -17.90 -5.37 -11.42
C LEU B 480 -17.21 -5.93 -10.19
N TYR B 481 -17.90 -5.84 -9.07
CA TYR B 481 -17.42 -6.38 -7.81
C TYR B 481 -17.42 -7.90 -7.86
N GLN B 482 -16.29 -8.50 -7.51
CA GLN B 482 -16.13 -9.95 -7.61
C GLN B 482 -16.46 -10.68 -6.33
N HIS B 483 -16.75 -9.96 -5.24
CA HIS B 483 -17.04 -10.58 -3.95
C HIS B 483 -18.31 -9.99 -3.36
N PRO B 484 -19.47 -10.24 -3.99
CA PRO B 484 -20.72 -9.77 -3.38
C PRO B 484 -20.95 -10.44 -2.04
N SER B 485 -21.66 -9.72 -1.16
CA SER B 485 -21.87 -10.20 0.20
C SER B 485 -22.77 -11.44 0.24
N SER B 486 -23.49 -11.72 -0.83
CA SER B 486 -24.35 -12.90 -0.90
C SER B 486 -23.58 -14.18 -1.19
N ALA B 487 -22.30 -14.08 -1.52
CA ALA B 487 -21.54 -15.25 -1.95
C ALA B 487 -21.28 -16.23 -0.83
N VAL B 488 -21.41 -15.83 0.42
CA VAL B 488 -21.02 -16.68 1.54
C VAL B 488 -22.22 -17.45 2.08
N LEU B 489 -23.40 -16.83 2.05
CA LEU B 489 -24.62 -17.48 2.55
C LEU B 489 -25.42 -18.15 1.45
N TYR B 490 -25.52 -17.55 0.28
CA TYR B 490 -26.31 -18.09 -0.82
C TYR B 490 -25.47 -18.75 -1.90
N HIS B 491 -24.14 -18.73 -1.75
CA HIS B 491 -23.23 -19.41 -2.67
C HIS B 491 -23.44 -18.94 -4.11
N THR B 492 -23.56 -17.62 -4.27
CA THR B 492 -23.68 -17.06 -5.61
C THR B 492 -22.33 -17.10 -6.31
N GLU B 493 -22.36 -17.33 -7.62
CA GLU B 493 -21.14 -17.43 -8.41
C GLU B 493 -20.96 -16.30 -9.41
N VAL B 494 -21.98 -15.50 -9.67
CA VAL B 494 -21.84 -14.38 -10.59
C VAL B 494 -21.33 -13.16 -9.85
N ALA B 495 -20.73 -12.23 -10.59
CA ALA B 495 -20.27 -10.98 -10.03
C ALA B 495 -21.42 -9.98 -9.97
N TYR B 496 -21.59 -9.36 -8.81
CA TYR B 496 -22.59 -8.33 -8.61
C TYR B 496 -21.96 -7.15 -7.91
N ASP B 497 -22.28 -5.95 -8.36
CA ASP B 497 -21.67 -4.75 -7.80
C ASP B 497 -22.70 -3.96 -6.99
N PRO B 498 -22.52 -3.83 -5.68
CA PRO B 498 -23.51 -3.08 -4.89
C PRO B 498 -23.63 -1.61 -5.28
N GLU B 499 -22.56 -1.02 -5.78
CA GLU B 499 -22.57 0.35 -6.29
C GLU B 499 -22.79 0.40 -7.79
N GLY B 500 -23.82 -0.27 -8.28
CA GLY B 500 -24.08 -0.35 -9.70
C GLY B 500 -24.78 0.87 -10.25
N ILE B 501 -25.29 0.71 -11.46
CA ILE B 501 -25.86 1.84 -12.19
C ILE B 501 -27.29 2.13 -11.76
N LEU B 502 -28.09 1.10 -11.50
CA LEU B 502 -29.52 1.30 -11.25
C LEU B 502 -29.78 1.88 -9.86
N GLY B 503 -28.92 1.58 -8.88
CA GLY B 503 -29.09 2.12 -7.54
C GLY B 503 -28.63 3.55 -7.37
N THR B 504 -28.03 4.13 -8.40
CA THR B 504 -27.67 5.54 -8.35
C THR B 504 -28.89 6.43 -8.27
N ILE B 505 -30.02 5.98 -8.81
CA ILE B 505 -31.27 6.72 -8.68
C ILE B 505 -31.65 6.88 -7.22
N ASN B 506 -31.54 5.80 -6.45
CA ASN B 506 -31.88 5.85 -5.05
C ASN B 506 -30.83 6.55 -4.21
N SER B 507 -29.57 6.53 -4.65
CA SER B 507 -28.57 7.41 -4.03
C SER B 507 -28.94 8.87 -4.22
N ILE B 508 -29.43 9.22 -5.41
CA ILE B 508 -29.85 10.60 -5.68
C ILE B 508 -31.05 10.97 -4.83
N VAL B 509 -31.98 10.04 -4.62
CA VAL B 509 -33.12 10.29 -3.76
C VAL B 509 -32.67 10.53 -2.32
N MET B 510 -31.72 9.73 -1.83
CA MET B 510 -31.20 9.91 -0.47
C MET B 510 -30.52 11.26 -0.32
N ALA B 511 -29.71 11.66 -1.30
CA ALA B 511 -29.04 12.95 -1.22
C ALA B 511 -30.03 14.10 -1.28
N PHE B 512 -31.10 13.95 -2.05
CA PHE B 512 -32.12 15.00 -2.09
C PHE B 512 -32.89 15.12 -0.79
N LEU B 513 -33.08 14.00 -0.08
CA LEU B 513 -33.66 14.09 1.27
C LEU B 513 -32.71 14.82 2.22
N GLY B 514 -31.40 14.62 2.06
CA GLY B 514 -30.44 15.40 2.81
C GLY B 514 -30.52 16.88 2.48
N VAL B 515 -30.76 17.20 1.21
CA VAL B 515 -30.95 18.58 0.80
C VAL B 515 -32.15 19.19 1.50
N GLN B 516 -33.22 18.42 1.64
CA GLN B 516 -34.39 18.92 2.37
C GLN B 516 -34.06 19.19 3.83
N ALA B 517 -33.23 18.35 4.45
CA ALA B 517 -32.80 18.62 5.82
C ALA B 517 -32.05 19.95 5.90
N GLY B 518 -31.16 20.22 4.95
CA GLY B 518 -30.47 21.50 4.93
C GLY B 518 -31.40 22.69 4.71
N LYS B 519 -32.42 22.51 3.86
CA LYS B 519 -33.38 23.58 3.64
C LYS B 519 -34.18 23.88 4.90
N ILE B 520 -34.54 22.85 5.66
CA ILE B 520 -35.20 23.09 6.94
C ILE B 520 -34.27 23.87 7.87
N LEU B 521 -33.00 23.51 7.91
CA LEU B 521 -32.07 24.18 8.81
C LEU B 521 -31.93 25.66 8.47
N LEU B 522 -31.93 26.01 7.18
CA LEU B 522 -31.70 27.41 6.82
C LEU B 522 -32.98 28.24 6.72
N TYR B 523 -34.08 27.65 6.24
CA TYR B 523 -35.31 28.42 6.12
C TYR B 523 -35.85 28.84 7.47
N TYR B 524 -35.77 27.98 8.47
CA TYR B 524 -36.30 28.22 9.80
C TYR B 524 -35.18 28.31 10.83
N LYS B 525 -34.08 28.97 10.45
CA LYS B 525 -32.92 29.04 11.32
C LYS B 525 -33.22 29.81 12.60
N ALA B 526 -34.04 30.85 12.50
CA ALA B 526 -34.36 31.65 13.67
C ALA B 526 -35.12 30.85 14.72
N ARG B 527 -36.03 29.99 14.30
CA ARG B 527 -36.96 29.30 15.19
C ARG B 527 -36.54 27.85 15.33
N THR B 528 -36.10 27.48 16.53
CA THR B 528 -35.75 26.08 16.80
C THR B 528 -36.97 25.18 16.80
N LYS B 529 -38.11 25.70 17.28
CA LYS B 529 -39.34 24.92 17.36
C LYS B 529 -39.79 24.46 15.97
N ASP B 530 -39.69 25.33 14.97
CA ASP B 530 -40.03 24.95 13.61
C ASP B 530 -39.10 23.87 13.07
N ILE B 531 -37.80 23.98 13.34
CA ILE B 531 -36.86 22.96 12.86
C ILE B 531 -37.19 21.61 13.49
N LEU B 532 -37.48 21.59 14.79
CA LEU B 532 -37.77 20.34 15.46
C LEU B 532 -39.06 19.71 14.95
N ILE B 533 -40.09 20.50 14.71
CA ILE B 533 -41.33 19.96 14.18
C ILE B 533 -41.13 19.41 12.77
N ARG B 534 -40.37 20.12 11.93
CA ARG B 534 -40.14 19.63 10.57
C ARG B 534 -39.34 18.33 10.57
N PHE B 535 -38.31 18.24 11.42
CA PHE B 535 -37.54 17.00 11.50
C PHE B 535 -38.39 15.85 12.00
N THR B 536 -39.24 16.10 13.00
CA THR B 536 -40.13 15.05 13.50
C THR B 536 -41.11 14.59 12.42
N ALA B 537 -41.69 15.53 11.69
CA ALA B 537 -42.67 15.17 10.66
C ALA B 537 -42.03 14.36 9.54
N TRP B 538 -40.84 14.76 9.09
CA TRP B 538 -40.17 14.01 8.03
C TRP B 538 -39.77 12.62 8.49
N CYS B 539 -39.27 12.50 9.73
CA CYS B 539 -38.93 11.20 10.28
C CYS B 539 -40.15 10.29 10.33
N CYS B 540 -41.30 10.82 10.76
CA CYS B 540 -42.50 10.00 10.86
C CYS B 540 -43.01 9.57 9.50
N ILE B 541 -43.03 10.48 8.51
CA ILE B 541 -43.52 10.12 7.18
C ILE B 541 -42.64 9.03 6.56
N LEU B 542 -41.32 9.21 6.62
CA LEU B 542 -40.44 8.23 6.01
C LEU B 542 -40.49 6.90 6.75
N GLY B 543 -40.64 6.93 8.08
CA GLY B 543 -40.80 5.69 8.82
C GLY B 543 -42.07 4.95 8.46
N LEU B 544 -43.16 5.68 8.24
CA LEU B 544 -44.41 5.02 7.85
C LEU B 544 -44.30 4.42 6.46
N ILE B 545 -43.61 5.09 5.55
CA ILE B 545 -43.40 4.52 4.21
C ILE B 545 -42.56 3.25 4.31
N SER B 546 -41.52 3.26 5.15
CA SER B 546 -40.71 2.06 5.34
C SER B 546 -41.52 0.90 5.90
N VAL B 547 -42.38 1.20 6.88
CA VAL B 547 -43.24 0.16 7.46
C VAL B 547 -44.17 -0.42 6.40
N ALA B 548 -44.74 0.44 5.55
CA ALA B 548 -45.63 -0.05 4.50
C ALA B 548 -44.89 -0.91 3.49
N LEU B 549 -43.67 -0.52 3.12
CA LEU B 549 -42.95 -1.25 2.08
C LEU B 549 -42.41 -2.58 2.59
N THR B 550 -41.84 -2.60 3.79
CA THR B 550 -41.20 -3.80 4.31
C THR B 550 -42.16 -4.75 5.00
N LYS B 551 -43.33 -4.26 5.44
CA LYS B 551 -44.24 -5.01 6.31
C LYS B 551 -43.56 -5.50 7.57
N VAL B 552 -42.52 -4.77 8.00
CA VAL B 552 -41.78 -5.03 9.23
C VAL B 552 -41.29 -6.48 9.20
N SER B 553 -40.43 -6.78 8.24
CA SER B 553 -39.90 -8.13 8.08
C SER B 553 -38.69 -8.07 7.17
N GLU B 554 -37.78 -9.03 7.35
CA GLU B 554 -36.53 -9.02 6.61
C GLU B 554 -36.75 -9.36 5.14
N ASN B 555 -37.51 -10.43 4.87
CA ASN B 555 -37.59 -10.98 3.52
C ASN B 555 -38.97 -10.88 2.90
N GLU B 556 -39.98 -10.49 3.65
CA GLU B 556 -41.31 -10.28 3.11
C GLU B 556 -41.49 -8.80 2.77
N GLY B 557 -42.66 -8.45 2.30
CA GLY B 557 -42.87 -7.06 1.95
C GLY B 557 -42.66 -6.80 0.48
N PHE B 558 -43.33 -5.76 -0.02
CA PHE B 558 -43.27 -5.46 -1.45
C PHE B 558 -41.86 -5.10 -1.88
N ILE B 559 -41.17 -4.30 -1.09
CA ILE B 559 -39.76 -3.98 -1.32
C ILE B 559 -39.00 -4.18 -0.01
N PRO B 560 -38.29 -5.28 0.16
CA PRO B 560 -37.49 -5.46 1.38
C PRO B 560 -36.29 -4.53 1.42
N VAL B 561 -35.73 -4.37 2.62
CA VAL B 561 -34.54 -3.54 2.79
C VAL B 561 -33.34 -4.29 2.24
N ASN B 562 -32.62 -3.68 1.31
CA ASN B 562 -31.51 -4.34 0.63
C ASN B 562 -30.46 -3.28 0.32
N LYS B 563 -29.30 -3.39 0.93
CA LYS B 563 -28.21 -2.46 0.61
C LYS B 563 -27.62 -2.74 -0.76
N ASN B 564 -27.59 -4.00 -1.18
CA ASN B 564 -27.02 -4.34 -2.48
C ASN B 564 -27.82 -3.71 -3.61
N LEU B 565 -29.14 -3.72 -3.51
CA LEU B 565 -29.99 -3.13 -4.53
C LEU B 565 -30.23 -1.64 -4.32
N TRP B 566 -29.83 -1.09 -3.17
CA TRP B 566 -30.20 0.25 -2.76
C TRP B 566 -31.69 0.49 -2.97
N SER B 567 -32.49 -0.39 -2.37
CA SER B 567 -33.92 -0.39 -2.60
C SER B 567 -34.57 0.86 -2.00
N LEU B 568 -35.83 1.07 -2.36
CA LEU B 568 -36.55 2.24 -1.88
C LEU B 568 -36.75 2.21 -0.38
N SER B 569 -37.09 1.04 0.17
CA SER B 569 -37.29 0.94 1.61
C SER B 569 -35.98 1.09 2.39
N TYR B 570 -34.87 0.71 1.78
CA TYR B 570 -33.56 0.99 2.36
C TYR B 570 -33.34 2.50 2.52
N VAL B 571 -33.69 3.25 1.48
CA VAL B 571 -33.51 4.70 1.50
C VAL B 571 -34.44 5.35 2.51
N THR B 572 -35.72 4.97 2.50
CA THR B 572 -36.67 5.58 3.43
C THR B 572 -36.33 5.25 4.88
N THR B 573 -35.91 4.01 5.14
CA THR B 573 -35.54 3.61 6.50
C THR B 573 -34.34 4.40 7.00
N LEU B 574 -33.28 4.48 6.19
CA LEU B 574 -32.06 5.14 6.66
C LEU B 574 -32.22 6.65 6.73
N SER B 575 -33.06 7.23 5.88
CA SER B 575 -33.31 8.67 5.96
C SER B 575 -34.21 9.01 7.13
N SER B 576 -35.12 8.12 7.51
CA SER B 576 -35.86 8.29 8.75
C SER B 576 -34.91 8.29 9.94
N PHE B 577 -33.95 7.36 9.95
CA PHE B 577 -32.95 7.35 11.01
C PHE B 577 -32.14 8.64 11.02
N ALA B 578 -31.79 9.16 9.84
CA ALA B 578 -30.99 10.38 9.77
C ALA B 578 -31.75 11.60 10.29
N PHE B 579 -33.04 11.69 9.97
CA PHE B 579 -33.85 12.79 10.51
C PHE B 579 -33.99 12.69 12.02
N PHE B 580 -34.12 11.48 12.56
CA PHE B 580 -34.15 11.32 14.01
C PHE B 580 -32.82 11.71 14.64
N ILE B 581 -31.70 11.32 14.01
CA ILE B 581 -30.39 11.69 14.55
C ILE B 581 -30.24 13.20 14.59
N LEU B 582 -30.64 13.89 13.51
CA LEU B 582 -30.59 15.35 13.50
C LEU B 582 -31.52 15.94 14.54
N LEU B 583 -32.70 15.36 14.71
CA LEU B 583 -33.65 15.84 15.71
C LEU B 583 -33.05 15.81 17.11
N VAL B 584 -32.20 14.82 17.39
CA VAL B 584 -31.57 14.76 18.71
C VAL B 584 -30.32 15.65 18.76
N LEU B 585 -29.50 15.64 17.72
CA LEU B 585 -28.22 16.32 17.75
C LEU B 585 -28.34 17.84 17.63
N TYR B 586 -29.31 18.34 16.89
CA TYR B 586 -29.38 19.78 16.67
C TYR B 586 -29.62 20.57 17.95
N PRO B 587 -30.64 20.25 18.78
CA PRO B 587 -30.80 21.05 20.00
C PRO B 587 -29.70 20.82 21.02
N VAL B 588 -29.21 19.59 21.14
CA VAL B 588 -28.19 19.29 22.15
C VAL B 588 -26.88 19.97 21.82
N VAL B 589 -26.43 19.86 20.56
CA VAL B 589 -25.10 20.31 20.19
C VAL B 589 -25.11 21.75 19.70
N ASP B 590 -26.09 22.15 18.90
CA ASP B 590 -26.06 23.48 18.28
C ASP B 590 -26.81 24.54 19.08
N VAL B 591 -27.99 24.22 19.60
CA VAL B 591 -28.82 25.24 20.24
C VAL B 591 -28.48 25.36 21.72
N LYS B 592 -28.71 24.29 22.48
CA LYS B 592 -28.46 24.34 23.92
C LYS B 592 -26.97 24.46 24.22
N GLY B 593 -26.13 23.74 23.49
CA GLY B 593 -24.72 23.72 23.77
C GLY B 593 -24.31 22.75 24.87
N LEU B 594 -25.16 21.77 25.19
CA LEU B 594 -24.84 20.81 26.23
C LEU B 594 -23.64 19.94 25.87
N TRP B 595 -23.33 19.81 24.58
CA TRP B 595 -22.27 18.95 24.11
C TRP B 595 -21.58 19.64 22.94
N THR B 596 -20.27 19.48 22.85
CA THR B 596 -19.54 20.04 21.72
C THR B 596 -19.42 19.06 20.56
N GLY B 597 -19.77 17.80 20.75
CA GLY B 597 -19.59 16.80 19.74
C GLY B 597 -18.34 15.97 19.87
N THR B 598 -17.57 16.15 20.93
CA THR B 598 -16.33 15.41 21.09
C THR B 598 -16.61 13.93 21.30
N PRO B 599 -15.83 13.04 20.69
CA PRO B 599 -14.70 13.31 19.80
C PRO B 599 -15.06 13.12 18.33
N PHE B 600 -16.32 13.31 17.95
CA PHE B 600 -16.76 12.97 16.60
C PHE B 600 -16.54 14.08 15.59
N PHE B 601 -16.64 15.34 15.99
CA PHE B 601 -16.50 16.40 15.01
C PHE B 601 -15.06 16.53 14.51
N TYR B 602 -14.09 15.97 15.22
CA TYR B 602 -12.72 15.97 14.69
C TYR B 602 -12.59 15.12 13.44
N PRO B 603 -13.02 13.84 13.40
CA PRO B 603 -13.09 13.15 12.11
C PRO B 603 -14.07 13.79 11.15
N GLY B 604 -15.17 14.34 11.65
CA GLY B 604 -16.21 14.89 10.79
C GLY B 604 -15.77 16.09 9.98
N MET B 605 -14.63 16.69 10.31
CA MET B 605 -14.11 17.84 9.58
C MET B 605 -12.95 17.48 8.64
N ASN B 606 -12.52 16.23 8.63
CA ASN B 606 -11.50 15.70 7.71
C ASN B 606 -11.95 14.36 7.15
N SER B 607 -13.18 14.29 6.67
CA SER B 607 -13.76 13.01 6.28
C SER B 607 -13.03 12.40 5.09
N ILE B 608 -12.63 13.21 4.11
CA ILE B 608 -11.97 12.67 2.93
C ILE B 608 -10.56 12.17 3.28
N LEU B 609 -9.85 12.89 4.16
CA LEU B 609 -8.55 12.42 4.62
C LEU B 609 -8.67 11.12 5.39
N VAL B 610 -9.65 11.01 6.28
CA VAL B 610 -9.83 9.79 7.06
C VAL B 610 -10.19 8.62 6.15
N TYR B 611 -11.07 8.85 5.18
CA TYR B 611 -11.50 7.78 4.29
C TYR B 611 -10.36 7.29 3.40
N VAL B 612 -9.77 8.19 2.62
CA VAL B 612 -8.67 7.81 1.76
C VAL B 612 -7.51 7.28 2.58
N GLY B 613 -7.29 7.83 3.78
CA GLY B 613 -6.22 7.35 4.62
C GLY B 613 -6.41 5.94 5.11
N HIS B 614 -7.63 5.58 5.54
CA HIS B 614 -7.76 4.24 6.09
C HIS B 614 -7.79 3.22 4.98
N GLU B 615 -8.12 3.64 3.75
CA GLU B 615 -7.97 2.77 2.60
C GLU B 615 -6.50 2.53 2.28
N VAL B 616 -5.69 3.59 2.25
CA VAL B 616 -4.29 3.46 1.85
C VAL B 616 -3.48 2.72 2.91
N PHE B 617 -3.73 3.01 4.18
CA PHE B 617 -2.90 2.49 5.27
C PHE B 617 -3.62 1.39 6.05
N GLU B 618 -4.46 0.60 5.38
CA GLU B 618 -5.21 -0.44 6.06
C GLU B 618 -4.29 -1.51 6.64
N ASN B 619 -3.26 -1.90 5.90
CA ASN B 619 -2.38 -3.00 6.29
C ASN B 619 -1.22 -2.57 7.16
N TYR B 620 -1.02 -1.27 7.33
CA TYR B 620 0.14 -0.75 8.06
C TYR B 620 -0.03 -0.91 9.56
N PHE B 621 1.09 -1.01 10.23
CA PHE B 621 1.17 -0.85 11.68
C PHE B 621 1.09 0.64 12.01
N PRO B 622 0.39 1.03 13.09
CA PRO B 622 -0.25 0.24 14.14
C PRO B 622 -1.70 -0.11 13.90
N PHE B 623 -2.21 0.05 12.68
CA PHE B 623 -3.60 -0.31 12.42
C PHE B 623 -3.80 -1.82 12.34
N GLN B 624 -2.73 -2.57 12.10
CA GLN B 624 -2.83 -4.00 11.88
C GLN B 624 -1.50 -4.63 12.25
N TRP B 625 -1.54 -5.67 13.07
CA TRP B 625 -0.36 -6.43 13.42
C TRP B 625 -0.70 -7.90 13.41
N LYS B 626 0.34 -8.73 13.58
CA LYS B 626 0.16 -10.17 13.59
C LYS B 626 -0.49 -10.62 14.89
N LEU B 627 -1.57 -11.40 14.78
CA LEU B 627 -2.31 -11.85 15.94
C LEU B 627 -1.83 -13.22 16.40
N LYS B 628 -1.89 -13.42 17.72
CA LYS B 628 -1.58 -14.73 18.28
C LYS B 628 -2.58 -15.78 17.79
N ASP B 629 -3.85 -15.42 17.74
CA ASP B 629 -4.91 -16.35 17.34
C ASP B 629 -5.82 -15.62 16.37
N ASN B 630 -5.85 -16.06 15.12
CA ASN B 630 -6.75 -15.49 14.13
C ASN B 630 -8.18 -15.99 14.25
N GLN B 631 -8.43 -16.99 15.09
CA GLN B 631 -9.77 -17.50 15.29
C GLN B 631 -10.38 -16.97 16.59
N SER B 632 -9.89 -15.83 17.07
CA SER B 632 -10.33 -15.24 18.32
C SER B 632 -11.07 -13.95 18.03
N HIS B 633 -12.31 -13.85 18.52
CA HIS B 633 -13.06 -12.60 18.41
C HIS B 633 -12.45 -11.50 19.27
N LYS B 634 -11.89 -11.87 20.42
CA LYS B 634 -11.35 -10.88 21.35
C LYS B 634 -10.17 -10.14 20.74
N GLU B 635 -9.27 -10.85 20.07
CA GLU B 635 -8.09 -10.22 19.52
C GLU B 635 -8.42 -9.37 18.31
N HIS B 636 -9.31 -9.85 17.45
CA HIS B 636 -9.75 -9.05 16.30
C HIS B 636 -10.46 -7.79 16.78
N LEU B 637 -11.33 -7.92 17.78
CA LEU B 637 -12.07 -6.77 18.29
C LEU B 637 -11.12 -5.75 18.90
N THR B 638 -10.16 -6.19 19.70
CA THR B 638 -9.20 -5.27 20.30
C THR B 638 -8.41 -4.54 19.24
N GLN B 639 -7.95 -5.26 18.22
CA GLN B 639 -7.17 -4.64 17.14
C GLN B 639 -8.00 -3.58 16.42
N ASN B 640 -9.27 -3.89 16.12
CA ASN B 640 -10.09 -2.96 15.36
C ASN B 640 -10.47 -1.73 16.17
N ILE B 641 -10.71 -1.90 17.47
CA ILE B 641 -10.99 -0.77 18.33
C ILE B 641 -9.78 0.14 18.43
N VAL B 642 -8.59 -0.44 18.57
CA VAL B 642 -7.37 0.36 18.65
C VAL B 642 -7.15 1.15 17.37
N ALA B 643 -7.37 0.51 16.21
CA ALA B 643 -7.19 1.20 14.94
C ALA B 643 -8.18 2.35 14.77
N THR B 644 -9.43 2.14 15.19
CA THR B 644 -10.41 3.21 15.10
C THR B 644 -10.02 4.38 16.00
N ALA B 645 -9.57 4.11 17.22
CA ALA B 645 -9.15 5.17 18.11
C ALA B 645 -7.95 5.92 17.55
N LEU B 646 -7.05 5.22 16.88
CA LEU B 646 -5.90 5.88 16.25
C LEU B 646 -6.33 6.82 15.15
N TRP B 647 -7.34 6.44 14.36
CA TRP B 647 -7.81 7.35 13.32
C TRP B 647 -8.49 8.58 13.92
N VAL B 648 -9.22 8.41 15.02
CA VAL B 648 -9.81 9.56 15.70
C VAL B 648 -8.71 10.48 16.23
N LEU B 649 -7.64 9.91 16.76
CA LEU B 649 -6.52 10.71 17.25
C LEU B 649 -5.81 11.46 16.12
N ILE B 650 -5.64 10.81 14.97
CA ILE B 650 -5.03 11.48 13.82
C ILE B 650 -5.88 12.67 13.40
N ALA B 651 -7.20 12.49 13.34
CA ALA B 651 -8.09 13.59 12.99
C ALA B 651 -8.02 14.72 14.02
N TYR B 652 -7.89 14.39 15.29
CA TYR B 652 -7.74 15.41 16.32
C TYR B 652 -6.46 16.21 16.14
N ILE B 653 -5.36 15.53 15.82
CA ILE B 653 -4.09 16.23 15.58
C ILE B 653 -4.21 17.15 14.38
N LEU B 654 -4.84 16.69 13.30
CA LEU B 654 -5.04 17.54 12.14
C LEU B 654 -5.90 18.75 12.47
N TYR B 655 -6.91 18.57 13.31
CA TYR B 655 -7.74 19.70 13.73
C TYR B 655 -6.94 20.71 14.53
N ARG B 656 -6.06 20.24 15.43
CA ARG B 656 -5.26 21.14 16.24
C ARG B 656 -4.33 21.99 15.39
N LYS B 657 -3.72 21.40 14.38
CA LYS B 657 -2.82 22.11 13.48
C LYS B 657 -3.54 22.79 12.34
N LYS B 658 -4.87 22.81 12.35
CA LYS B 658 -5.68 23.50 11.35
C LYS B 658 -5.37 23.03 9.93
N ILE B 659 -5.21 21.73 9.77
CA ILE B 659 -5.04 21.12 8.45
C ILE B 659 -6.38 20.49 8.07
N PHE B 660 -7.01 21.05 7.04
CA PHE B 660 -8.28 20.54 6.53
C PHE B 660 -8.19 20.42 5.02
N TRP B 661 -8.63 19.30 4.47
CA TRP B 661 -8.65 19.07 3.04
C TRP B 661 -10.08 18.85 2.60
N LYS B 662 -10.48 19.54 1.54
CA LYS B 662 -11.79 19.36 0.91
C LYS B 662 -11.60 19.16 -0.58
N ILE B 663 -12.30 18.19 -1.15
CA ILE B 663 -12.24 17.94 -2.58
C ILE B 663 -12.83 19.12 -3.35
#